data_3DV2
#
_entry.id   3DV2
#
_cell.length_a   63.073
_cell.length_b   100.586
_cell.length_c   73.068
_cell.angle_alpha   90.00
_cell.angle_beta   110.42
_cell.angle_gamma   90.00
#
_symmetry.space_group_name_H-M   'P 1 21 1'
#
loop_
_entity.id
_entity.type
_entity.pdbx_description
1 polymer 'Nicotinate (Nicotinamide) nucleotide adenylyltransferase'
2 non-polymer 'SULFATE ION'
3 water water
#
_entity_poly.entity_id   1
_entity_poly.type   'polypeptide(L)'
_entity_poly.pdbx_seq_one_letter_code
;MRKIGIIGGTFDPPHYGHLLIANEVYHALNLEEVWFLPNQIPPHKQGRNITSVESRLQMLELATEAEEHFSICLEELSRK
GPSYTYDTMLQLTKKYPDVQFHFIIGGDMVEYLPKWYNIEALLDLVTFVGVARPGYKLRTPYPITTVEIPEFAVSSSLLR
ERYKEKKTCKYLLPEKVQVYIERNGLYESLAAALEHHHHHH
;
_entity_poly.pdbx_strand_id   A,B,C,D
#
loop_
_chem_comp.id
_chem_comp.type
_chem_comp.name
_chem_comp.formula
SO4 non-polymer 'SULFATE ION' 'O4 S -2'
#
# COMPACT_ATOMS: atom_id res chain seq x y z
N ARG A 2 -6.89 33.53 9.78
CA ARG A 2 -5.44 33.28 9.59
C ARG A 2 -5.11 31.88 9.04
N LYS A 3 -5.19 30.86 9.89
CA LYS A 3 -4.86 29.50 9.45
C LYS A 3 -5.87 28.96 8.44
N ILE A 4 -5.43 28.81 7.19
CA ILE A 4 -6.29 28.32 6.12
C ILE A 4 -5.73 27.09 5.38
N GLY A 5 -6.55 26.05 5.26
CA GLY A 5 -6.13 24.85 4.58
C GLY A 5 -6.44 24.87 3.10
N ILE A 6 -5.57 24.27 2.29
CA ILE A 6 -5.75 24.22 0.83
C ILE A 6 -5.67 22.77 0.38
N ILE A 7 -6.63 22.36 -0.45
CA ILE A 7 -6.68 21.01 -1.00
C ILE A 7 -7.04 21.06 -2.48
N GLY A 8 -6.13 20.62 -3.33
CA GLY A 8 -6.37 20.68 -4.76
C GLY A 8 -6.89 19.41 -5.38
N GLY A 9 -7.14 19.48 -6.68
CA GLY A 9 -7.64 18.33 -7.43
C GLY A 9 -8.62 18.77 -8.50
N THR A 10 -9.01 17.84 -9.37
CA THR A 10 -9.98 18.17 -10.42
C THR A 10 -11.39 18.17 -9.84
N PHE A 11 -11.62 17.34 -8.82
CA PHE A 11 -12.95 17.22 -8.22
C PHE A 11 -13.88 16.80 -9.34
N ASP A 12 -13.47 15.75 -10.01
CA ASP A 12 -14.20 15.23 -11.14
C ASP A 12 -14.47 13.73 -10.95
N PRO A 13 -15.35 13.38 -10.01
CA PRO A 13 -16.13 14.25 -9.13
C PRO A 13 -15.53 14.41 -7.74
N PRO A 14 -16.12 15.31 -6.93
CA PRO A 14 -15.62 15.52 -5.56
C PRO A 14 -16.12 14.29 -4.80
N HIS A 15 -15.46 13.91 -3.70
CA HIS A 15 -15.91 12.75 -2.95
C HIS A 15 -15.59 12.79 -1.45
N TYR A 16 -16.07 11.80 -0.70
CA TYR A 16 -15.85 11.74 0.74
C TYR A 16 -14.40 11.79 1.19
N GLY A 17 -13.50 11.21 0.40
CA GLY A 17 -12.09 11.26 0.74
C GLY A 17 -11.63 12.71 0.86
N HIS A 18 -12.18 13.58 0.01
CA HIS A 18 -11.81 15.00 0.04
C HIS A 18 -12.32 15.62 1.32
N LEU A 19 -13.60 15.40 1.59
CA LEU A 19 -14.24 15.95 2.79
C LEU A 19 -13.58 15.39 4.06
N LEU A 20 -13.32 14.09 4.08
CA LEU A 20 -12.71 13.47 5.24
C LEU A 20 -11.39 14.16 5.58
N ILE A 21 -10.50 14.22 4.58
CA ILE A 21 -9.19 14.84 4.72
C ILE A 21 -9.25 16.30 5.16
N ALA A 22 -10.15 17.08 4.56
CA ALA A 22 -10.27 18.47 4.92
C ALA A 22 -10.73 18.58 6.37
N ASN A 23 -11.68 17.74 6.76
CA ASN A 23 -12.19 17.76 8.12
C ASN A 23 -11.13 17.35 9.12
N GLU A 24 -10.39 16.28 8.82
CA GLU A 24 -9.35 15.81 9.73
C GLU A 24 -8.26 16.88 9.93
N VAL A 25 -7.79 17.49 8.83
CA VAL A 25 -6.76 18.52 8.91
C VAL A 25 -7.28 19.76 9.62
N TYR A 26 -8.49 20.16 9.27
CA TYR A 26 -9.15 21.32 9.87
C TYR A 26 -9.07 21.22 11.40
N HIS A 27 -9.52 20.11 11.95
CA HIS A 27 -9.49 19.91 13.39
C HIS A 27 -8.08 19.71 13.92
N ALA A 28 -7.37 18.77 13.33
CA ALA A 28 -6.01 18.42 13.75
C ALA A 28 -5.09 19.64 13.87
N LEU A 29 -5.14 20.55 12.90
CA LEU A 29 -4.30 21.73 12.95
C LEU A 29 -5.00 22.99 13.47
N ASN A 30 -6.30 22.86 13.76
CA ASN A 30 -7.07 23.97 14.30
C ASN A 30 -7.19 25.12 13.30
N LEU A 31 -7.57 24.78 12.08
CA LEU A 31 -7.72 25.76 11.01
C LEU A 31 -8.98 26.56 11.21
N GLU A 32 -9.08 27.68 10.51
CA GLU A 32 -10.27 28.50 10.58
C GLU A 32 -11.10 28.10 9.38
N GLU A 33 -10.41 27.64 8.33
CA GLU A 33 -11.08 27.21 7.10
C GLU A 33 -10.19 26.35 6.20
N VAL A 34 -10.84 25.63 5.30
CA VAL A 34 -10.16 24.80 4.32
C VAL A 34 -10.76 25.20 3.00
N TRP A 35 -9.91 25.46 2.02
CA TRP A 35 -10.37 25.85 0.70
C TRP A 35 -10.11 24.75 -0.28
N PHE A 36 -11.07 24.55 -1.17
CA PHE A 36 -10.91 23.55 -2.20
C PHE A 36 -10.48 24.32 -3.44
N LEU A 37 -9.25 24.08 -3.85
CA LEU A 37 -8.67 24.75 -5.01
C LEU A 37 -8.71 23.85 -6.25
N PRO A 38 -9.74 24.04 -7.09
CA PRO A 38 -9.96 23.28 -8.32
C PRO A 38 -8.87 23.45 -9.38
N ASN A 39 -8.43 22.33 -9.94
CA ASN A 39 -7.44 22.33 -10.98
C ASN A 39 -8.26 22.16 -12.25
N GLN A 40 -7.86 22.82 -13.33
CA GLN A 40 -8.57 22.65 -14.59
C GLN A 40 -8.12 21.27 -15.08
N ILE A 41 -8.93 20.63 -15.91
CA ILE A 41 -8.56 19.32 -16.43
C ILE A 41 -7.47 19.53 -17.48
N PRO A 42 -6.25 19.02 -17.22
CA PRO A 42 -5.07 19.12 -18.09
C PRO A 42 -5.31 18.81 -19.56
N PRO A 43 -4.51 19.43 -20.44
CA PRO A 43 -4.58 19.27 -21.89
C PRO A 43 -4.79 17.83 -22.37
N HIS A 44 -3.93 16.91 -21.97
CA HIS A 44 -4.07 15.52 -22.40
C HIS A 44 -5.30 14.80 -21.85
N LYS A 45 -5.98 15.41 -20.88
CA LYS A 45 -7.17 14.79 -20.31
C LYS A 45 -8.45 15.40 -20.87
N GLN A 46 -8.31 16.39 -21.74
CA GLN A 46 -9.47 17.07 -22.31
C GLN A 46 -9.99 16.36 -23.55
N GLY A 47 -11.26 16.59 -23.84
CA GLY A 47 -11.91 15.97 -24.99
C GLY A 47 -13.38 16.32 -24.96
N ARG A 48 -14.10 16.00 -26.03
CA ARG A 48 -15.52 16.31 -26.08
C ARG A 48 -16.38 15.53 -25.09
N ASN A 49 -15.78 14.59 -24.38
CA ASN A 49 -16.55 13.80 -23.42
C ASN A 49 -16.28 14.10 -21.95
N ILE A 50 -15.40 15.05 -21.67
CA ILE A 50 -15.08 15.39 -20.29
C ILE A 50 -16.15 16.28 -19.65
N THR A 51 -16.02 16.48 -18.34
CA THR A 51 -16.94 17.31 -17.56
C THR A 51 -16.58 18.78 -17.71
N SER A 52 -17.58 19.65 -17.66
CA SER A 52 -17.34 21.07 -17.80
C SER A 52 -17.00 21.70 -16.44
N VAL A 53 -16.27 22.81 -16.46
CA VAL A 53 -15.91 23.50 -15.23
C VAL A 53 -17.17 23.81 -14.45
N GLU A 54 -18.24 24.18 -15.15
CA GLU A 54 -19.49 24.49 -14.48
C GLU A 54 -20.00 23.25 -13.73
N SER A 55 -20.00 22.09 -14.40
CA SER A 55 -20.47 20.87 -13.74
C SER A 55 -19.61 20.57 -12.52
N ARG A 56 -18.30 20.54 -12.73
CA ARG A 56 -17.37 20.26 -11.65
C ARG A 56 -17.60 21.20 -10.47
N LEU A 57 -17.74 22.49 -10.75
CA LEU A 57 -17.96 23.47 -9.71
C LEU A 57 -19.27 23.27 -8.97
N GLN A 58 -20.28 22.78 -9.69
CA GLN A 58 -21.58 22.57 -9.07
C GLN A 58 -21.58 21.34 -8.16
N MET A 59 -20.82 20.32 -8.53
CA MET A 59 -20.76 19.14 -7.69
C MET A 59 -19.97 19.47 -6.44
N LEU A 60 -18.97 20.32 -6.60
CA LEU A 60 -18.12 20.76 -5.49
C LEU A 60 -18.95 21.62 -4.55
N GLU A 61 -19.84 22.42 -5.14
CA GLU A 61 -20.74 23.29 -4.38
C GLU A 61 -21.66 22.38 -3.53
N LEU A 62 -22.27 21.40 -4.18
CA LEU A 62 -23.16 20.46 -3.50
C LEU A 62 -22.42 19.68 -2.41
N ALA A 63 -21.20 19.26 -2.72
CA ALA A 63 -20.37 18.49 -1.80
C ALA A 63 -19.94 19.26 -0.55
N THR A 64 -19.79 20.57 -0.65
CA THR A 64 -19.34 21.38 0.48
C THR A 64 -20.36 22.37 1.02
N GLU A 65 -21.54 22.44 0.42
CA GLU A 65 -22.57 23.39 0.88
C GLU A 65 -22.94 23.19 2.34
N ALA A 66 -22.88 21.95 2.81
CA ALA A 66 -23.21 21.66 4.20
C ALA A 66 -22.17 22.23 5.17
N GLU A 67 -20.90 22.14 4.82
CA GLU A 67 -19.84 22.65 5.69
C GLU A 67 -19.64 24.15 5.56
N GLU A 68 -19.97 24.87 6.63
CA GLU A 68 -19.84 26.33 6.65
C GLU A 68 -18.40 26.79 6.52
N HIS A 69 -17.47 25.99 7.06
CA HIS A 69 -16.06 26.33 7.03
C HIS A 69 -15.26 25.80 5.85
N PHE A 70 -15.96 25.36 4.80
CA PHE A 70 -15.31 24.85 3.58
C PHE A 70 -15.67 25.82 2.48
N SER A 71 -14.69 26.28 1.72
CA SER A 71 -14.97 27.23 0.64
C SER A 71 -14.29 26.80 -0.65
N ILE A 72 -14.79 27.29 -1.77
CA ILE A 72 -14.20 26.97 -3.07
C ILE A 72 -13.36 28.17 -3.49
N CYS A 73 -12.09 27.93 -3.81
CA CYS A 73 -11.22 29.00 -4.26
C CYS A 73 -11.01 28.84 -5.76
N LEU A 74 -11.52 29.79 -6.54
CA LEU A 74 -11.42 29.74 -7.99
C LEU A 74 -10.16 30.42 -8.56
N GLU A 75 -9.21 30.74 -7.69
CA GLU A 75 -7.97 31.39 -8.12
C GLU A 75 -7.13 30.70 -9.20
N GLU A 76 -6.97 29.38 -9.12
CA GLU A 76 -6.16 28.69 -10.12
C GLU A 76 -6.97 28.44 -11.38
N LEU A 77 -8.25 28.13 -11.18
CA LEU A 77 -9.16 27.86 -12.30
C LEU A 77 -9.42 29.12 -13.10
N SER A 78 -9.38 30.26 -12.42
CA SER A 78 -9.63 31.55 -13.06
C SER A 78 -8.55 31.95 -14.06
N ARG A 79 -7.30 31.56 -13.77
CA ARG A 79 -6.18 31.88 -14.66
C ARG A 79 -6.22 30.94 -15.86
N LYS A 80 -6.71 31.46 -16.97
CA LYS A 80 -6.84 30.70 -18.22
C LYS A 80 -5.52 30.06 -18.69
N GLY A 81 -4.47 30.18 -17.88
CA GLY A 81 -3.19 29.60 -18.26
C GLY A 81 -2.62 28.62 -17.24
N PRO A 82 -2.00 27.51 -17.70
CA PRO A 82 -1.41 26.49 -16.82
C PRO A 82 -0.28 27.05 -15.95
N SER A 83 -0.29 26.71 -14.65
CA SER A 83 0.73 27.24 -13.74
C SER A 83 1.25 26.29 -12.66
N TYR A 84 2.47 26.55 -12.20
CA TYR A 84 3.10 25.75 -11.16
C TYR A 84 2.39 26.06 -9.83
N THR A 85 2.55 25.15 -8.88
CA THR A 85 1.94 25.33 -7.58
C THR A 85 2.53 26.55 -6.89
N TYR A 86 3.84 26.77 -7.08
CA TYR A 86 4.51 27.91 -6.46
C TYR A 86 3.90 29.26 -6.88
N ASP A 87 3.57 29.40 -8.17
CA ASP A 87 2.97 30.64 -8.67
C ASP A 87 1.56 30.83 -8.14
N THR A 88 0.81 29.74 -8.11
CA THR A 88 -0.56 29.77 -7.59
C THR A 88 -0.52 30.28 -6.16
N MET A 89 0.30 29.64 -5.33
CA MET A 89 0.43 30.01 -3.92
C MET A 89 1.01 31.40 -3.71
N LEU A 90 1.86 31.83 -4.64
CA LEU A 90 2.47 33.15 -4.56
C LEU A 90 1.36 34.18 -4.69
N GLN A 91 0.52 33.98 -5.71
CA GLN A 91 -0.61 34.86 -5.98
C GLN A 91 -1.54 34.92 -4.76
N LEU A 92 -1.91 33.76 -4.22
CA LEU A 92 -2.80 33.70 -3.07
C LEU A 92 -2.19 34.46 -1.89
N THR A 93 -0.89 34.31 -1.71
CA THR A 93 -0.13 34.96 -0.66
C THR A 93 -0.20 36.48 -0.80
N LYS A 94 -0.08 36.96 -2.02
CA LYS A 94 -0.12 38.39 -2.25
C LYS A 94 -1.52 38.91 -1.92
N LYS A 95 -2.54 38.21 -2.43
CA LYS A 95 -3.92 38.62 -2.21
C LYS A 95 -4.42 38.46 -0.77
N TYR A 96 -3.87 37.52 -0.01
CA TYR A 96 -4.27 37.33 1.39
C TYR A 96 -3.04 37.26 2.29
N PRO A 97 -2.36 38.41 2.50
CA PRO A 97 -1.16 38.61 3.30
C PRO A 97 -1.26 38.14 4.74
N ASP A 98 -2.48 38.16 5.26
CA ASP A 98 -2.75 37.78 6.63
C ASP A 98 -2.92 36.26 6.85
N VAL A 99 -3.06 35.51 5.75
CA VAL A 99 -3.29 34.08 5.86
C VAL A 99 -2.07 33.18 5.87
N GLN A 100 -2.11 32.17 6.73
CA GLN A 100 -1.05 31.19 6.81
C GLN A 100 -1.62 29.94 6.14
N PHE A 101 -1.34 29.77 4.85
CA PHE A 101 -1.84 28.62 4.11
C PHE A 101 -1.16 27.30 4.44
N HIS A 102 -1.97 26.28 4.67
CA HIS A 102 -1.48 24.94 4.95
C HIS A 102 -1.89 24.12 3.72
N PHE A 103 -0.91 23.78 2.91
CA PHE A 103 -1.14 23.02 1.68
C PHE A 103 -1.13 21.54 2.01
N ILE A 104 -2.26 20.88 1.80
CA ILE A 104 -2.42 19.47 2.09
C ILE A 104 -2.00 18.55 0.92
N ILE A 105 -1.11 17.62 1.18
CA ILE A 105 -0.67 16.68 0.16
C ILE A 105 -0.64 15.26 0.74
N GLY A 106 -0.52 14.28 -0.14
CA GLY A 106 -0.44 12.90 0.32
C GLY A 106 0.94 12.64 0.89
N GLY A 107 1.02 11.80 1.91
CA GLY A 107 2.30 11.49 2.51
C GLY A 107 3.35 11.01 1.52
N ASP A 108 2.97 10.07 0.65
CA ASP A 108 3.92 9.53 -0.33
C ASP A 108 4.43 10.56 -1.31
N MET A 109 3.71 11.67 -1.43
CA MET A 109 4.11 12.75 -2.32
C MET A 109 5.29 13.50 -1.69
N VAL A 110 5.43 13.41 -0.37
CA VAL A 110 6.51 14.09 0.34
C VAL A 110 7.90 13.66 -0.16
N GLU A 111 7.95 12.55 -0.89
CA GLU A 111 9.21 12.04 -1.41
C GLU A 111 9.65 12.76 -2.70
N TYR A 112 8.69 13.32 -3.42
CA TYR A 112 8.97 14.01 -4.67
C TYR A 112 8.99 15.54 -4.49
N LEU A 113 8.72 16.01 -3.28
CA LEU A 113 8.72 17.44 -3.02
C LEU A 113 10.02 18.15 -3.38
N PRO A 114 11.17 17.50 -3.13
CA PRO A 114 12.44 18.15 -3.48
C PRO A 114 12.55 18.44 -4.98
N LYS A 115 11.73 17.76 -5.79
CA LYS A 115 11.74 17.95 -7.23
C LYS A 115 10.62 18.88 -7.69
N TRP A 116 10.02 19.60 -6.75
CA TRP A 116 8.93 20.53 -7.08
C TRP A 116 9.53 21.87 -7.49
N TYR A 117 8.96 22.46 -8.54
CA TYR A 117 9.44 23.75 -9.04
C TYR A 117 9.46 24.78 -7.92
N ASN A 118 10.64 25.34 -7.67
CA ASN A 118 10.83 26.36 -6.65
C ASN A 118 10.41 25.92 -5.25
N ILE A 119 10.49 24.61 -4.99
CA ILE A 119 10.08 24.08 -3.69
C ILE A 119 10.65 24.87 -2.52
N GLU A 120 11.91 25.28 -2.63
CA GLU A 120 12.54 26.04 -1.55
C GLU A 120 11.79 27.33 -1.24
N ALA A 121 11.42 28.07 -2.27
CA ALA A 121 10.68 29.33 -2.08
C ALA A 121 9.20 29.06 -1.75
N LEU A 122 8.69 27.93 -2.22
CA LEU A 122 7.30 27.57 -1.95
C LEU A 122 7.18 27.28 -0.47
N LEU A 123 8.18 26.60 0.06
CA LEU A 123 8.20 26.25 1.48
C LEU A 123 8.13 27.48 2.38
N ASP A 124 8.73 28.58 1.93
CA ASP A 124 8.70 29.81 2.72
C ASP A 124 7.40 30.54 2.46
N LEU A 125 6.65 30.04 1.49
CA LEU A 125 5.37 30.64 1.15
C LEU A 125 4.21 29.92 1.86
N VAL A 126 4.38 28.64 2.14
CA VAL A 126 3.31 27.89 2.80
C VAL A 126 3.78 26.81 3.75
N THR A 127 2.83 26.24 4.48
CA THR A 127 3.11 25.17 5.41
C THR A 127 2.50 23.90 4.82
N PHE A 128 3.35 22.95 4.46
CA PHE A 128 2.86 21.71 3.91
C PHE A 128 2.33 20.82 5.01
N VAL A 129 1.25 20.12 4.69
CA VAL A 129 0.64 19.18 5.61
C VAL A 129 0.59 17.87 4.84
N GLY A 130 1.18 16.83 5.43
CA GLY A 130 1.20 15.53 4.80
C GLY A 130 0.27 14.58 5.51
N VAL A 131 -0.50 13.83 4.72
CA VAL A 131 -1.44 12.87 5.26
C VAL A 131 -0.76 11.49 5.29
N ALA A 132 -0.84 10.82 6.44
CA ALA A 132 -0.23 9.50 6.57
C ALA A 132 -1.15 8.57 7.34
N ARG A 133 -1.01 7.27 7.10
CA ARG A 133 -1.83 6.28 7.77
C ARG A 133 -1.58 6.36 9.26
N PRO A 134 -2.57 5.94 10.07
CA PRO A 134 -2.38 5.98 11.52
C PRO A 134 -1.11 5.18 11.88
N GLY A 135 -0.37 5.64 12.89
CA GLY A 135 0.84 4.95 13.30
C GLY A 135 2.11 5.30 12.55
N TYR A 136 2.03 6.24 11.60
CA TYR A 136 3.19 6.66 10.83
C TYR A 136 3.35 8.16 10.85
N LYS A 137 4.59 8.60 10.70
CA LYS A 137 4.92 10.01 10.71
C LYS A 137 5.94 10.22 9.63
N LEU A 138 5.81 11.34 8.92
CA LEU A 138 6.76 11.66 7.85
C LEU A 138 8.11 12.02 8.47
N ARG A 139 9.17 11.40 7.97
CA ARG A 139 10.53 11.65 8.44
C ARG A 139 11.21 12.36 7.29
N THR A 140 11.27 13.69 7.37
CA THR A 140 11.84 14.50 6.30
C THR A 140 12.63 15.71 6.79
N PRO A 141 13.56 16.20 5.94
CA PRO A 141 14.39 17.37 6.27
C PRO A 141 13.56 18.66 6.19
N TYR A 142 12.47 18.62 5.44
CA TYR A 142 11.58 19.77 5.29
C TYR A 142 10.65 19.85 6.52
N PRO A 143 10.13 21.06 6.82
CA PRO A 143 9.23 21.26 7.96
C PRO A 143 7.77 20.93 7.61
N ILE A 144 7.51 19.67 7.29
CA ILE A 144 6.16 19.25 6.94
C ILE A 144 5.44 18.74 8.17
N THR A 145 4.18 19.10 8.31
CA THR A 145 3.38 18.65 9.44
C THR A 145 2.67 17.37 9.05
N THR A 146 2.64 16.38 9.93
CA THR A 146 1.95 15.12 9.65
C THR A 146 0.58 15.03 10.30
N VAL A 147 -0.39 14.56 9.53
CA VAL A 147 -1.73 14.36 10.07
C VAL A 147 -2.11 12.93 9.71
N GLU A 148 -2.34 12.11 10.74
CA GLU A 148 -2.72 10.72 10.55
C GLU A 148 -4.21 10.69 10.26
N ILE A 149 -4.61 9.91 9.28
CA ILE A 149 -6.02 9.81 8.92
C ILE A 149 -6.27 8.42 8.39
N PRO A 150 -7.35 7.77 8.86
CA PRO A 150 -7.64 6.42 8.39
C PRO A 150 -7.77 6.41 6.87
N GLU A 151 -7.22 5.37 6.26
CA GLU A 151 -7.23 5.22 4.81
C GLU A 151 -8.63 4.99 4.21
N PHE A 152 -8.91 5.72 3.13
CA PHE A 152 -10.17 5.62 2.39
C PHE A 152 -9.75 5.71 0.94
N ALA A 153 -9.50 4.55 0.34
CA ALA A 153 -9.05 4.43 -1.04
C ALA A 153 -10.05 4.84 -2.11
N VAL A 154 -10.44 6.11 -2.12
CA VAL A 154 -11.36 6.56 -3.14
C VAL A 154 -10.74 7.71 -3.90
N SER A 155 -10.77 7.65 -5.22
CA SER A 155 -10.22 8.73 -6.05
C SER A 155 -11.29 9.15 -7.04
N SER A 156 -11.11 10.31 -7.67
CA SER A 156 -12.09 10.76 -8.65
C SER A 156 -12.05 9.78 -9.80
N SER A 157 -10.83 9.43 -10.20
CA SER A 157 -10.58 8.50 -11.28
C SER A 157 -11.36 7.22 -11.03
N LEU A 158 -11.15 6.64 -9.85
CA LEU A 158 -11.83 5.41 -9.46
C LEU A 158 -13.35 5.54 -9.68
N LEU A 159 -13.93 6.65 -9.25
CA LEU A 159 -15.36 6.89 -9.41
C LEU A 159 -15.81 7.02 -10.86
N ARG A 160 -15.07 7.78 -11.66
CA ARG A 160 -15.44 7.94 -13.05
C ARG A 160 -15.47 6.57 -13.71
N GLU A 161 -14.49 5.73 -13.37
CA GLU A 161 -14.44 4.37 -13.92
C GLU A 161 -15.70 3.59 -13.55
N ARG A 162 -16.00 3.54 -12.25
CA ARG A 162 -17.17 2.82 -11.78
C ARG A 162 -18.42 3.30 -12.50
N TYR A 163 -18.59 4.60 -12.64
CA TYR A 163 -19.77 5.11 -13.33
C TYR A 163 -19.81 4.63 -14.77
N LYS A 164 -18.63 4.53 -15.38
CA LYS A 164 -18.54 4.05 -16.75
C LYS A 164 -19.09 2.63 -16.79
N GLU A 165 -18.56 1.77 -15.92
CA GLU A 165 -19.01 0.37 -15.84
C GLU A 165 -20.39 0.25 -15.21
N LYS A 166 -20.91 1.37 -14.72
CA LYS A 166 -22.20 1.38 -14.07
C LYS A 166 -22.15 0.51 -12.81
N LYS A 167 -21.00 0.52 -12.14
CA LYS A 167 -20.82 -0.23 -10.90
C LYS A 167 -21.25 0.70 -9.78
N THR A 168 -21.75 0.15 -8.67
CA THR A 168 -22.22 1.00 -7.56
C THR A 168 -21.14 1.91 -7.00
N CYS A 169 -21.56 3.06 -6.48
CA CYS A 169 -20.66 4.04 -5.89
C CYS A 169 -21.21 4.54 -4.57
N LYS A 170 -22.26 3.89 -4.08
CA LYS A 170 -22.87 4.31 -2.82
C LYS A 170 -21.84 4.42 -1.69
N TYR A 171 -21.99 5.44 -0.86
CA TYR A 171 -21.12 5.72 0.27
C TYR A 171 -19.72 6.17 -0.12
N LEU A 172 -19.45 6.32 -1.41
CA LEU A 172 -18.13 6.77 -1.83
C LEU A 172 -18.09 8.29 -2.02
N LEU A 173 -19.25 8.89 -2.25
CA LEU A 173 -19.35 10.34 -2.45
C LEU A 173 -20.77 10.80 -2.11
N PRO A 174 -20.94 12.05 -1.65
CA PRO A 174 -22.23 12.65 -1.26
C PRO A 174 -23.43 12.29 -2.14
N GLU A 175 -24.57 12.04 -1.50
CA GLU A 175 -25.79 11.68 -2.22
C GLU A 175 -26.16 12.78 -3.21
N LYS A 176 -26.06 14.03 -2.76
CA LYS A 176 -26.39 15.14 -3.63
C LYS A 176 -25.52 15.15 -4.89
N VAL A 177 -24.27 14.74 -4.76
CA VAL A 177 -23.39 14.69 -5.91
C VAL A 177 -23.79 13.55 -6.83
N GLN A 178 -24.14 12.42 -6.23
CA GLN A 178 -24.57 11.28 -7.04
C GLN A 178 -25.82 11.69 -7.81
N VAL A 179 -26.71 12.41 -7.13
CA VAL A 179 -27.94 12.87 -7.75
C VAL A 179 -27.66 13.73 -8.97
N TYR A 180 -26.67 14.60 -8.86
CA TYR A 180 -26.30 15.50 -9.96
C TYR A 180 -25.70 14.74 -11.15
N ILE A 181 -24.93 13.70 -10.84
CA ILE A 181 -24.30 12.91 -11.89
C ILE A 181 -25.37 12.20 -12.71
N GLU A 182 -26.29 11.54 -12.02
CA GLU A 182 -27.37 10.82 -12.70
C GLU A 182 -28.34 11.77 -13.42
N ARG A 183 -28.65 12.90 -12.80
CA ARG A 183 -29.55 13.87 -13.41
C ARG A 183 -28.99 14.48 -14.69
N ASN A 184 -27.67 14.74 -14.72
CA ASN A 184 -27.05 15.34 -15.89
C ASN A 184 -26.28 14.36 -16.77
N GLY A 185 -26.39 13.07 -16.45
CA GLY A 185 -25.70 12.05 -17.22
C GLY A 185 -24.21 12.23 -17.36
N LEU A 186 -23.51 12.35 -16.23
CA LEU A 186 -22.06 12.54 -16.26
C LEU A 186 -21.31 11.21 -16.21
N TYR A 187 -20.10 11.20 -16.76
CA TYR A 187 -19.23 10.01 -16.77
C TYR A 187 -19.85 8.80 -17.44
N GLU A 188 -20.96 9.00 -18.12
CA GLU A 188 -21.65 7.90 -18.80
C GLU A 188 -21.16 7.77 -20.25
N ARG B 2 -33.56 -16.04 -0.79
CA ARG B 2 -32.63 -17.14 -1.20
C ARG B 2 -31.18 -16.79 -0.77
N LYS B 3 -30.53 -15.90 -1.52
CA LYS B 3 -29.16 -15.49 -1.18
C LYS B 3 -29.14 -14.34 -0.18
N ILE B 4 -28.75 -14.63 1.06
CA ILE B 4 -28.70 -13.61 2.11
C ILE B 4 -27.29 -13.42 2.66
N GLY B 5 -26.88 -12.16 2.82
CA GLY B 5 -25.56 -11.89 3.36
C GLY B 5 -25.69 -11.59 4.84
N ILE B 6 -24.65 -11.89 5.61
CA ILE B 6 -24.66 -11.63 7.04
C ILE B 6 -23.36 -10.94 7.43
N ILE B 7 -23.49 -9.92 8.28
CA ILE B 7 -22.35 -9.15 8.77
C ILE B 7 -22.47 -9.05 10.27
N GLY B 8 -21.44 -9.54 10.97
CA GLY B 8 -21.43 -9.51 12.42
C GLY B 8 -20.55 -8.41 12.97
N GLY B 9 -20.77 -8.07 14.24
CA GLY B 9 -19.99 -7.04 14.90
C GLY B 9 -20.74 -6.53 16.11
N THR B 10 -20.11 -5.65 16.87
CA THR B 10 -20.77 -5.07 18.03
C THR B 10 -21.66 -3.91 17.58
N PHE B 11 -21.31 -3.26 16.48
CA PHE B 11 -22.06 -2.12 15.99
C PHE B 11 -22.13 -1.13 17.17
N ASP B 12 -20.96 -0.93 17.77
CA ASP B 12 -20.82 -0.08 18.94
C ASP B 12 -19.69 0.93 18.74
N PRO B 13 -19.88 1.94 17.86
CA PRO B 13 -21.07 2.19 17.04
C PRO B 13 -21.01 1.62 15.62
N PRO B 14 -22.14 1.64 14.90
CA PRO B 14 -22.17 1.14 13.52
C PRO B 14 -21.51 2.26 12.71
N HIS B 15 -20.97 1.94 11.53
CA HIS B 15 -20.30 2.99 10.76
C HIS B 15 -20.29 2.69 9.26
N TYR B 16 -19.87 3.67 8.46
CA TYR B 16 -19.85 3.50 7.00
C TYR B 16 -19.08 2.32 6.45
N GLY B 17 -18.10 1.85 7.20
CA GLY B 17 -17.33 0.70 6.75
C GLY B 17 -18.28 -0.49 6.67
N HIS B 18 -19.23 -0.57 7.60
CA HIS B 18 -20.23 -1.65 7.61
C HIS B 18 -21.15 -1.49 6.41
N LEU B 19 -21.59 -0.27 6.18
CA LEU B 19 -22.49 0.00 5.07
C LEU B 19 -21.81 -0.23 3.73
N LEU B 20 -20.58 0.26 3.57
CA LEU B 20 -19.86 0.07 2.32
C LEU B 20 -19.72 -1.42 2.02
N ILE B 21 -19.20 -2.17 2.99
CA ILE B 21 -19.00 -3.60 2.80
C ILE B 21 -20.32 -4.30 2.48
N ALA B 22 -21.38 -3.99 3.22
CA ALA B 22 -22.68 -4.60 2.95
C ALA B 22 -23.15 -4.27 1.52
N ASN B 23 -23.00 -3.02 1.11
CA ASN B 23 -23.40 -2.60 -0.23
C ASN B 23 -22.60 -3.30 -1.34
N GLU B 24 -21.28 -3.23 -1.24
CA GLU B 24 -20.39 -3.83 -2.23
C GLU B 24 -20.71 -5.32 -2.43
N VAL B 25 -20.68 -6.11 -1.35
CA VAL B 25 -20.95 -7.53 -1.45
C VAL B 25 -22.35 -7.79 -1.97
N TYR B 26 -23.28 -6.93 -1.60
CA TYR B 26 -24.66 -7.06 -2.04
C TYR B 26 -24.71 -7.02 -3.58
N HIS B 27 -24.07 -6.02 -4.16
CA HIS B 27 -24.05 -5.87 -5.63
C HIS B 27 -23.15 -6.85 -6.39
N ALA B 28 -22.05 -7.25 -5.78
CA ALA B 28 -21.12 -8.16 -6.44
C ALA B 28 -21.66 -9.59 -6.54
N LEU B 29 -22.19 -10.11 -5.44
CA LEU B 29 -22.72 -11.47 -5.42
C LEU B 29 -24.23 -11.55 -5.69
N ASN B 30 -24.82 -10.41 -6.07
CA ASN B 30 -26.26 -10.32 -6.39
C ASN B 30 -27.18 -10.80 -5.28
N LEU B 31 -26.90 -10.41 -4.04
CA LEU B 31 -27.71 -10.83 -2.89
C LEU B 31 -29.13 -10.26 -2.85
N GLU B 32 -29.99 -10.90 -2.07
CA GLU B 32 -31.37 -10.49 -1.89
C GLU B 32 -31.34 -9.39 -0.82
N GLU B 33 -30.46 -9.57 0.15
CA GLU B 33 -30.28 -8.60 1.23
C GLU B 33 -29.12 -8.94 2.16
N VAL B 34 -28.88 -8.05 3.09
CA VAL B 34 -27.83 -8.23 4.05
C VAL B 34 -28.38 -8.01 5.43
N TRP B 35 -28.14 -8.98 6.31
CA TRP B 35 -28.58 -8.92 7.68
C TRP B 35 -27.43 -8.51 8.58
N PHE B 36 -27.64 -7.50 9.43
CA PHE B 36 -26.59 -7.11 10.36
C PHE B 36 -26.88 -7.88 11.64
N LEU B 37 -25.88 -8.62 12.07
CA LEU B 37 -25.97 -9.48 13.23
C LEU B 37 -25.18 -8.94 14.44
N PRO B 38 -25.85 -8.24 15.35
CA PRO B 38 -25.18 -7.69 16.54
C PRO B 38 -24.70 -8.79 17.49
N ASN B 39 -23.48 -8.64 18.00
CA ASN B 39 -22.92 -9.63 18.91
C ASN B 39 -23.35 -9.36 20.33
N GLN B 40 -23.41 -10.42 21.13
CA GLN B 40 -23.76 -10.32 22.53
C GLN B 40 -22.53 -9.70 23.18
N ILE B 41 -22.68 -9.19 24.40
CA ILE B 41 -21.54 -8.62 25.09
C ILE B 41 -20.92 -9.76 25.90
N PRO B 42 -19.65 -10.11 25.61
CA PRO B 42 -18.99 -11.18 26.34
C PRO B 42 -18.98 -10.96 27.85
N PRO B 43 -19.33 -11.99 28.63
CA PRO B 43 -19.37 -11.91 30.09
C PRO B 43 -18.22 -11.13 30.74
N HIS B 44 -16.98 -11.37 30.28
CA HIS B 44 -15.84 -10.67 30.85
C HIS B 44 -15.85 -9.18 30.54
N LYS B 45 -15.84 -8.83 29.25
CA LYS B 45 -15.86 -7.42 28.85
C LYS B 45 -17.29 -6.91 29.01
N GLN B 46 -17.76 -6.88 30.27
CA GLN B 46 -19.10 -6.43 30.59
C GLN B 46 -19.14 -5.40 31.72
N GLY B 47 -18.15 -4.51 31.74
CA GLY B 47 -18.12 -3.49 32.78
C GLY B 47 -19.34 -2.59 32.65
N ARG B 48 -19.86 -2.10 33.77
CA ARG B 48 -21.03 -1.22 33.75
C ARG B 48 -20.70 0.20 33.26
N ASN B 49 -19.93 0.25 32.18
CA ASN B 49 -19.51 1.50 31.53
C ASN B 49 -19.82 1.38 30.04
N ILE B 50 -19.70 0.16 29.52
CA ILE B 50 -19.94 -0.15 28.12
C ILE B 50 -21.34 0.30 27.67
N THR B 51 -21.54 0.36 26.36
CA THR B 51 -22.83 0.78 25.82
C THR B 51 -23.91 -0.26 26.02
N SER B 52 -25.12 0.20 26.31
CA SER B 52 -26.24 -0.71 26.50
C SER B 52 -26.55 -1.38 25.17
N VAL B 53 -27.14 -2.57 25.23
CA VAL B 53 -27.52 -3.28 24.03
C VAL B 53 -28.50 -2.44 23.23
N GLU B 54 -29.48 -1.88 23.93
CA GLU B 54 -30.51 -1.07 23.29
C GLU B 54 -29.98 0.15 22.56
N SER B 55 -28.98 0.81 23.12
CA SER B 55 -28.39 1.98 22.47
C SER B 55 -27.66 1.55 21.21
N ARG B 56 -27.16 0.31 21.21
CA ARG B 56 -26.45 -0.17 20.04
C ARG B 56 -27.45 -0.49 18.94
N LEU B 57 -28.52 -1.20 19.29
CA LEU B 57 -29.55 -1.55 18.31
C LEU B 57 -30.17 -0.27 17.75
N GLN B 58 -30.31 0.73 18.60
CA GLN B 58 -30.91 1.97 18.14
C GLN B 58 -30.01 2.63 17.10
N MET B 59 -28.71 2.62 17.36
CA MET B 59 -27.79 3.23 16.41
C MET B 59 -27.83 2.47 15.10
N LEU B 60 -27.87 1.14 15.20
CA LEU B 60 -27.91 0.27 14.03
C LEU B 60 -29.17 0.51 13.20
N GLU B 61 -30.29 0.80 13.88
CA GLU B 61 -31.53 1.06 13.15
C GLU B 61 -31.33 2.35 12.36
N LEU B 62 -30.77 3.37 13.03
CA LEU B 62 -30.52 4.65 12.38
C LEU B 62 -29.56 4.55 11.20
N ALA B 63 -28.63 3.60 11.25
CA ALA B 63 -27.65 3.43 10.19
C ALA B 63 -28.17 2.68 8.98
N THR B 64 -29.14 1.80 9.17
CA THR B 64 -29.67 1.00 8.07
C THR B 64 -31.10 1.32 7.70
N GLU B 65 -31.72 2.27 8.39
CA GLU B 65 -33.11 2.64 8.11
C GLU B 65 -33.36 3.05 6.65
N ALA B 66 -32.46 3.87 6.11
CA ALA B 66 -32.60 4.34 4.73
C ALA B 66 -32.50 3.25 3.67
N GLU B 67 -31.79 2.15 3.97
CA GLU B 67 -31.63 1.07 3.00
C GLU B 67 -32.66 -0.02 3.17
N GLU B 68 -33.42 -0.27 2.10
CA GLU B 68 -34.48 -1.27 2.13
C GLU B 68 -34.01 -2.71 2.22
N HIS B 69 -32.93 -3.07 1.51
CA HIS B 69 -32.49 -4.45 1.56
C HIS B 69 -31.41 -4.76 2.60
N PHE B 70 -31.49 -4.05 3.71
CA PHE B 70 -30.58 -4.23 4.84
C PHE B 70 -31.51 -4.50 6.02
N SER B 71 -31.27 -5.57 6.76
CA SER B 71 -32.13 -5.86 7.91
C SER B 71 -31.25 -6.22 9.10
N ILE B 72 -31.86 -6.14 10.28
CA ILE B 72 -31.19 -6.44 11.53
C ILE B 72 -31.68 -7.78 12.07
N CYS B 73 -30.76 -8.61 12.51
CA CYS B 73 -31.11 -9.92 13.03
C CYS B 73 -30.53 -10.03 14.43
N LEU B 74 -31.40 -10.18 15.42
CA LEU B 74 -30.97 -10.27 16.82
C LEU B 74 -30.92 -11.69 17.38
N GLU B 75 -30.68 -12.68 16.53
CA GLU B 75 -30.63 -14.05 17.01
C GLU B 75 -29.63 -14.24 18.15
N GLU B 76 -28.43 -13.68 17.99
CA GLU B 76 -27.41 -13.83 19.02
C GLU B 76 -27.73 -13.17 20.36
N LEU B 77 -28.57 -12.14 20.35
CA LEU B 77 -28.93 -11.43 21.58
C LEU B 77 -30.07 -12.09 22.32
N SER B 78 -30.64 -13.14 21.74
CA SER B 78 -31.78 -13.81 22.36
C SER B 78 -31.45 -14.86 23.41
N ARG B 79 -30.50 -15.74 23.09
CA ARG B 79 -30.11 -16.84 23.99
C ARG B 79 -29.23 -16.47 25.18
N LYS B 80 -29.03 -17.47 26.04
CA LYS B 80 -28.25 -17.36 27.26
C LYS B 80 -26.73 -17.39 27.07
N GLY B 81 -26.00 -17.06 28.14
CA GLY B 81 -24.55 -17.06 28.14
C GLY B 81 -23.84 -16.56 26.89
N PRO B 82 -22.51 -16.80 26.79
CA PRO B 82 -21.70 -16.39 25.65
C PRO B 82 -22.21 -16.95 24.32
N SER B 83 -22.12 -16.15 23.26
CA SER B 83 -22.61 -16.54 21.94
C SER B 83 -21.53 -17.08 21.02
N TYR B 84 -21.91 -18.02 20.16
CA TYR B 84 -20.98 -18.63 19.20
C TYR B 84 -21.63 -18.66 17.82
N THR B 85 -20.82 -18.42 16.79
CA THR B 85 -21.31 -18.39 15.42
C THR B 85 -22.00 -19.67 14.96
N TYR B 86 -21.51 -20.80 15.45
CA TYR B 86 -22.11 -22.07 15.05
C TYR B 86 -23.56 -22.18 15.49
N ASP B 87 -23.82 -21.86 16.75
CA ASP B 87 -25.17 -21.96 17.30
C ASP B 87 -26.13 -21.03 16.56
N THR B 88 -25.67 -19.82 16.30
CA THR B 88 -26.48 -18.84 15.62
C THR B 88 -26.94 -19.30 14.25
N MET B 89 -26.01 -19.75 13.42
CA MET B 89 -26.34 -20.19 12.06
C MET B 89 -27.15 -21.48 12.04
N LEU B 90 -26.98 -22.31 13.07
CA LEU B 90 -27.72 -23.56 13.13
C LEU B 90 -29.17 -23.10 13.27
N GLN B 91 -29.41 -22.22 14.24
CA GLN B 91 -30.72 -21.69 14.51
C GLN B 91 -31.33 -20.99 13.27
N LEU B 92 -30.51 -20.24 12.53
CA LEU B 92 -30.99 -19.53 11.35
C LEU B 92 -31.24 -20.46 10.16
N THR B 93 -30.43 -21.53 10.06
CA THR B 93 -30.58 -22.50 8.99
C THR B 93 -31.91 -23.23 9.13
N LYS B 94 -32.33 -23.47 10.37
CA LYS B 94 -33.57 -24.16 10.67
C LYS B 94 -34.77 -23.24 10.41
N LYS B 95 -34.62 -21.98 10.80
CA LYS B 95 -35.69 -21.00 10.61
C LYS B 95 -35.86 -20.66 9.12
N TYR B 96 -34.75 -20.58 8.42
CA TYR B 96 -34.77 -20.24 6.99
C TYR B 96 -34.06 -21.31 6.19
N PRO B 97 -34.63 -22.53 6.15
CA PRO B 97 -34.03 -23.65 5.42
C PRO B 97 -33.83 -23.41 3.93
N ASP B 98 -34.54 -22.43 3.39
CA ASP B 98 -34.45 -22.10 1.96
C ASP B 98 -33.51 -20.91 1.70
N VAL B 99 -32.66 -20.57 2.65
CA VAL B 99 -31.74 -19.44 2.49
C VAL B 99 -30.27 -19.83 2.42
N GLN B 100 -29.59 -19.27 1.43
CA GLN B 100 -28.17 -19.52 1.23
C GLN B 100 -27.46 -18.37 1.94
N PHE B 101 -26.98 -18.61 3.16
CA PHE B 101 -26.30 -17.57 3.93
C PHE B 101 -24.84 -17.37 3.54
N HIS B 102 -24.45 -16.11 3.39
CA HIS B 102 -23.06 -15.75 3.08
C HIS B 102 -22.55 -14.90 4.23
N PHE B 103 -21.79 -15.53 5.12
CA PHE B 103 -21.25 -14.82 6.28
C PHE B 103 -20.07 -14.00 5.78
N ILE B 104 -20.23 -12.68 5.80
CA ILE B 104 -19.18 -11.77 5.33
C ILE B 104 -18.14 -11.58 6.44
N ILE B 105 -16.86 -11.67 6.07
CA ILE B 105 -15.77 -11.50 7.04
C ILE B 105 -14.63 -10.66 6.48
N GLY B 106 -13.95 -9.92 7.36
CA GLY B 106 -12.82 -9.11 6.94
C GLY B 106 -11.82 -10.01 6.22
N GLY B 107 -11.24 -9.52 5.13
CA GLY B 107 -10.29 -10.29 4.36
C GLY B 107 -9.05 -10.77 5.08
N ASP B 108 -8.76 -10.17 6.23
CA ASP B 108 -7.59 -10.55 7.01
C ASP B 108 -7.86 -11.78 7.88
N MET B 109 -9.07 -11.84 8.44
CA MET B 109 -9.46 -12.95 9.31
C MET B 109 -9.86 -14.20 8.52
N VAL B 110 -9.41 -14.31 7.28
CA VAL B 110 -9.75 -15.47 6.45
C VAL B 110 -8.87 -16.70 6.74
N GLU B 111 -7.64 -16.47 7.17
CA GLU B 111 -6.73 -17.56 7.48
C GLU B 111 -6.75 -17.85 8.97
N TYR B 112 -7.77 -17.32 9.65
CA TYR B 112 -7.95 -17.50 11.08
C TYR B 112 -9.18 -18.39 11.34
N LEU B 113 -10.01 -18.57 10.31
CA LEU B 113 -11.22 -19.38 10.40
C LEU B 113 -11.04 -20.80 10.92
N PRO B 114 -9.99 -21.52 10.45
CA PRO B 114 -9.80 -22.88 10.95
C PRO B 114 -9.78 -22.94 12.47
N LYS B 115 -9.82 -21.76 13.10
CA LYS B 115 -9.81 -21.64 14.56
C LYS B 115 -11.19 -21.27 15.09
N TRP B 116 -12.22 -21.55 14.30
CA TRP B 116 -13.59 -21.25 14.69
C TRP B 116 -14.36 -22.45 15.21
N TYR B 117 -15.06 -22.25 16.32
CA TYR B 117 -15.89 -23.27 16.97
C TYR B 117 -16.73 -24.00 15.93
N ASN B 118 -16.39 -25.27 15.70
CA ASN B 118 -17.09 -26.11 14.74
C ASN B 118 -16.95 -25.66 13.30
N ILE B 119 -15.85 -24.97 13.02
CA ILE B 119 -15.57 -24.45 11.68
C ILE B 119 -15.99 -25.41 10.58
N GLU B 120 -15.72 -26.70 10.78
CA GLU B 120 -16.07 -27.71 9.78
C GLU B 120 -17.58 -27.88 9.62
N ALA B 121 -18.31 -27.88 10.74
CA ALA B 121 -19.76 -28.01 10.69
C ALA B 121 -20.30 -26.73 10.06
N LEU B 122 -19.93 -25.60 10.67
CA LEU B 122 -20.34 -24.28 10.20
C LEU B 122 -20.02 -24.17 8.70
N LEU B 123 -18.86 -24.71 8.32
CA LEU B 123 -18.42 -24.68 6.94
C LEU B 123 -19.54 -25.13 6.00
N ASP B 124 -20.49 -25.89 6.53
CA ASP B 124 -21.62 -26.37 5.72
C ASP B 124 -22.85 -25.49 5.81
N LEU B 125 -23.06 -24.86 6.97
CA LEU B 125 -24.22 -24.00 7.15
C LEU B 125 -24.11 -22.69 6.38
N VAL B 126 -22.89 -22.21 6.19
CA VAL B 126 -22.68 -20.95 5.50
C VAL B 126 -21.60 -20.96 4.43
N THR B 127 -21.60 -19.89 3.63
CA THR B 127 -20.62 -19.71 2.56
C THR B 127 -19.89 -18.43 2.95
N PHE B 128 -18.64 -18.57 3.39
CA PHE B 128 -17.85 -17.41 3.82
C PHE B 128 -17.45 -16.46 2.70
N VAL B 129 -17.47 -15.17 3.00
CA VAL B 129 -17.12 -14.15 2.02
C VAL B 129 -16.09 -13.19 2.62
N GLY B 130 -14.89 -13.23 2.08
CA GLY B 130 -13.83 -12.35 2.56
C GLY B 130 -13.74 -11.07 1.77
N VAL B 131 -13.67 -9.96 2.49
CA VAL B 131 -13.55 -8.65 1.86
C VAL B 131 -12.06 -8.40 1.61
N ALA B 132 -11.67 -8.31 0.34
CA ALA B 132 -10.26 -8.07 0.01
C ALA B 132 -10.05 -6.70 -0.63
N ARG B 133 -9.02 -6.00 -0.17
CA ARG B 133 -8.72 -4.71 -0.76
C ARG B 133 -8.06 -5.05 -2.10
N PRO B 134 -8.15 -4.15 -3.09
CA PRO B 134 -7.56 -4.40 -4.41
C PRO B 134 -6.08 -4.77 -4.32
N GLY B 135 -5.75 -6.01 -4.68
CA GLY B 135 -4.37 -6.46 -4.63
C GLY B 135 -3.97 -7.37 -3.47
N TYR B 136 -4.83 -7.44 -2.45
CA TYR B 136 -4.57 -8.27 -1.28
C TYR B 136 -5.38 -9.56 -1.32
N LYS B 137 -4.84 -10.57 -2.00
CA LYS B 137 -5.53 -11.87 -2.09
C LYS B 137 -5.54 -12.55 -0.73
N LEU B 138 -6.48 -13.46 -0.54
CA LEU B 138 -6.61 -14.14 0.74
C LEU B 138 -6.20 -15.62 0.70
N ARG B 139 -5.70 -16.10 1.83
CA ARG B 139 -5.23 -17.48 1.95
C ARG B 139 -6.10 -18.31 2.89
N THR B 140 -6.51 -19.48 2.42
CA THR B 140 -7.33 -20.40 3.20
C THR B 140 -7.62 -21.63 2.34
N PRO B 141 -7.78 -22.81 2.96
CA PRO B 141 -8.06 -24.06 2.25
C PRO B 141 -9.51 -24.17 1.76
N TYR B 142 -10.44 -23.70 2.58
CA TYR B 142 -11.86 -23.74 2.27
C TYR B 142 -12.23 -22.85 1.10
N PRO B 143 -13.19 -23.28 0.25
CA PRO B 143 -13.62 -22.50 -0.91
C PRO B 143 -14.38 -21.25 -0.46
N ILE B 144 -13.64 -20.21 -0.08
CA ILE B 144 -14.22 -18.97 0.39
C ILE B 144 -14.33 -17.94 -0.73
N THR B 145 -15.54 -17.42 -0.94
CA THR B 145 -15.76 -16.40 -1.96
C THR B 145 -15.06 -15.14 -1.49
N THR B 146 -14.60 -14.32 -2.43
CA THR B 146 -13.91 -13.10 -2.07
C THR B 146 -14.37 -11.94 -2.92
N VAL B 147 -14.50 -10.77 -2.30
CA VAL B 147 -14.93 -9.58 -3.02
C VAL B 147 -13.95 -8.44 -2.75
N GLU B 148 -13.49 -7.81 -3.83
CA GLU B 148 -12.58 -6.67 -3.70
C GLU B 148 -13.39 -5.41 -3.38
N ILE B 149 -12.98 -4.71 -2.34
CA ILE B 149 -13.65 -3.51 -1.87
C ILE B 149 -12.67 -2.41 -1.50
N PRO B 150 -12.93 -1.17 -1.93
CA PRO B 150 -12.04 -0.04 -1.61
C PRO B 150 -11.75 0.00 -0.10
N GLU B 151 -10.48 0.16 0.24
CA GLU B 151 -10.07 0.19 1.64
C GLU B 151 -10.62 1.41 2.37
N PHE B 152 -11.29 1.16 3.50
CA PHE B 152 -11.84 2.22 4.35
C PHE B 152 -11.59 1.72 5.77
N ALA B 153 -10.37 1.98 6.25
CA ALA B 153 -9.94 1.52 7.56
C ALA B 153 -10.59 2.17 8.79
N VAL B 154 -11.87 1.91 8.99
CA VAL B 154 -12.57 2.44 10.15
C VAL B 154 -13.12 1.24 10.90
N SER B 155 -13.13 1.33 12.24
CA SER B 155 -13.66 0.27 13.10
C SER B 155 -14.41 0.93 14.24
N SER B 156 -15.29 0.18 14.89
CA SER B 156 -16.05 0.69 16.01
C SER B 156 -15.04 1.06 17.10
N SER B 157 -14.04 0.19 17.25
CA SER B 157 -12.95 0.36 18.22
C SER B 157 -12.27 1.70 18.00
N LEU B 158 -11.85 1.94 16.76
CA LEU B 158 -11.22 3.19 16.39
C LEU B 158 -12.12 4.36 16.74
N LEU B 159 -13.42 4.21 16.47
CA LEU B 159 -14.38 5.29 16.75
C LEU B 159 -14.56 5.60 18.23
N ARG B 160 -14.76 4.59 19.06
CA ARG B 160 -14.93 4.83 20.50
C ARG B 160 -13.76 5.62 21.09
N GLU B 161 -12.54 5.26 20.74
CA GLU B 161 -11.39 5.99 21.27
C GLU B 161 -11.40 7.45 20.84
N ARG B 162 -11.83 7.73 19.61
CA ARG B 162 -11.87 9.11 19.15
C ARG B 162 -12.87 9.90 19.95
N TYR B 163 -14.06 9.34 20.11
CA TYR B 163 -15.10 9.99 20.88
C TYR B 163 -14.64 10.22 22.30
N LYS B 164 -13.87 9.27 22.83
CA LYS B 164 -13.33 9.38 24.18
C LYS B 164 -12.25 10.46 24.26
N GLU B 165 -11.47 10.60 23.19
CA GLU B 165 -10.40 11.61 23.16
C GLU B 165 -10.95 12.96 22.70
N LYS B 166 -12.26 13.01 22.46
CA LYS B 166 -12.92 14.23 22.02
C LYS B 166 -12.52 14.60 20.58
N LYS B 167 -12.09 13.61 19.81
CA LYS B 167 -11.68 13.82 18.43
C LYS B 167 -12.85 13.68 17.44
N THR B 168 -12.75 14.37 16.32
CA THR B 168 -13.80 14.33 15.31
C THR B 168 -13.97 12.94 14.69
N CYS B 169 -15.18 12.66 14.23
CA CYS B 169 -15.50 11.38 13.61
C CYS B 169 -16.37 11.60 12.37
N LYS B 170 -16.44 12.84 11.90
CA LYS B 170 -17.27 13.17 10.75
C LYS B 170 -16.83 12.42 9.49
N TYR B 171 -17.82 11.94 8.73
CA TYR B 171 -17.63 11.18 7.50
C TYR B 171 -17.18 9.75 7.71
N LEU B 172 -17.18 9.29 8.96
CA LEU B 172 -16.77 7.92 9.25
C LEU B 172 -17.96 7.04 9.61
N LEU B 173 -19.07 7.67 9.95
CA LEU B 173 -20.31 6.98 10.31
C LEU B 173 -21.47 7.94 10.02
N PRO B 174 -22.68 7.41 9.92
CA PRO B 174 -23.87 8.23 9.65
C PRO B 174 -24.07 9.43 10.56
N GLU B 175 -24.61 10.50 9.99
CA GLU B 175 -24.89 11.72 10.75
C GLU B 175 -25.85 11.37 11.88
N LYS B 176 -26.94 10.70 11.53
CA LYS B 176 -27.96 10.29 12.51
C LYS B 176 -27.34 9.59 13.71
N VAL B 177 -26.39 8.70 13.44
CA VAL B 177 -25.72 7.97 14.49
C VAL B 177 -24.88 8.94 15.34
N GLN B 178 -24.30 9.94 14.71
CA GLN B 178 -23.48 10.92 15.40
C GLN B 178 -24.32 11.73 16.38
N VAL B 179 -25.41 12.32 15.89
CA VAL B 179 -26.29 13.10 16.74
C VAL B 179 -26.72 12.23 17.94
N TYR B 180 -27.14 11.01 17.64
CA TYR B 180 -27.57 10.08 18.68
C TYR B 180 -26.50 9.92 19.76
N ILE B 181 -25.25 9.81 19.32
CA ILE B 181 -24.14 9.64 20.24
C ILE B 181 -23.92 10.87 21.09
N GLU B 182 -23.92 12.04 20.45
CA GLU B 182 -23.73 13.31 21.14
C GLU B 182 -24.88 13.58 22.11
N ARG B 183 -26.09 13.20 21.69
CA ARG B 183 -27.29 13.42 22.50
C ARG B 183 -27.40 12.49 23.70
N ASN B 184 -27.06 11.22 23.52
CA ASN B 184 -27.16 10.26 24.60
C ASN B 184 -25.86 10.09 25.38
N GLY B 185 -24.94 11.03 25.19
CA GLY B 185 -23.67 11.00 25.88
C GLY B 185 -22.96 9.66 25.85
N LEU B 186 -22.72 9.13 24.65
CA LEU B 186 -22.04 7.84 24.53
C LEU B 186 -20.55 8.03 24.35
N TYR B 187 -19.78 7.07 24.85
CA TYR B 187 -18.33 7.09 24.76
C TYR B 187 -17.74 8.37 25.36
N GLU B 188 -18.25 8.77 26.51
CA GLU B 188 -17.78 9.95 27.21
C GLU B 188 -16.97 9.57 28.45
N SER B 189 -15.73 10.04 28.49
CA SER B 189 -14.81 9.79 29.60
C SER B 189 -13.40 9.98 29.08
N ARG C 2 27.30 -9.27 21.72
CA ARG C 2 26.58 -8.30 22.59
C ARG C 2 25.27 -7.87 21.94
N LYS C 3 25.35 -7.24 20.77
CA LYS C 3 24.15 -6.79 20.05
C LYS C 3 23.81 -7.78 18.94
N ILE C 4 22.75 -8.56 19.15
CA ILE C 4 22.31 -9.55 18.19
C ILE C 4 20.89 -9.32 17.70
N GLY C 5 20.73 -9.30 16.38
CA GLY C 5 19.42 -9.10 15.78
C GLY C 5 18.69 -10.42 15.63
N ILE C 6 17.37 -10.37 15.62
CA ILE C 6 16.55 -11.56 15.48
C ILE C 6 15.47 -11.39 14.44
N ILE C 7 15.43 -12.29 13.47
CA ILE C 7 14.42 -12.25 12.43
C ILE C 7 13.63 -13.54 12.46
N GLY C 8 12.32 -13.43 12.69
CA GLY C 8 11.47 -14.60 12.74
C GLY C 8 10.72 -14.81 11.44
N GLY C 9 10.19 -16.01 11.25
CA GLY C 9 9.45 -16.32 10.05
C GLY C 9 9.43 -17.80 9.82
N THR C 10 8.65 -18.25 8.84
CA THR C 10 8.57 -19.66 8.51
C THR C 10 9.68 -19.98 7.53
N PHE C 11 10.17 -18.95 6.85
CA PHE C 11 11.24 -19.14 5.87
C PHE C 11 10.89 -20.33 4.98
N ASP C 12 9.66 -20.28 4.47
CA ASP C 12 9.11 -21.32 3.62
C ASP C 12 8.57 -20.68 2.34
N PRO C 13 9.47 -20.24 1.43
CA PRO C 13 10.93 -20.34 1.57
C PRO C 13 11.62 -19.02 1.91
N PRO C 14 12.93 -19.09 2.25
CA PRO C 14 13.72 -17.91 2.59
C PRO C 14 13.92 -17.13 1.29
N HIS C 15 14.07 -15.80 1.39
CA HIS C 15 14.21 -14.99 0.18
C HIS C 15 15.03 -13.72 0.37
N TYR C 16 15.29 -13.00 -0.72
CA TYR C 16 16.10 -11.79 -0.62
C TYR C 16 15.56 -10.72 0.32
N GLY C 17 14.25 -10.76 0.54
CA GLY C 17 13.64 -9.81 1.46
C GLY C 17 14.21 -10.03 2.85
N HIS C 18 14.33 -11.30 3.24
CA HIS C 18 14.87 -11.64 4.56
C HIS C 18 16.32 -11.19 4.70
N LEU C 19 17.12 -11.44 3.68
CA LEU C 19 18.54 -11.09 3.69
C LEU C 19 18.73 -9.57 3.70
N LEU C 20 17.97 -8.87 2.88
CA LEU C 20 18.04 -7.40 2.80
C LEU C 20 17.77 -6.81 4.19
N ILE C 21 16.64 -7.20 4.78
CA ILE C 21 16.27 -6.68 6.10
C ILE C 21 17.35 -6.94 7.13
N ALA C 22 17.88 -8.16 7.12
CA ALA C 22 18.93 -8.54 8.07
C ALA C 22 20.14 -7.65 7.90
N ASN C 23 20.56 -7.48 6.66
CA ASN C 23 21.73 -6.68 6.34
C ASN C 23 21.58 -5.22 6.72
N GLU C 24 20.44 -4.63 6.37
CA GLU C 24 20.19 -3.22 6.68
C GLU C 24 20.25 -2.94 8.17
N VAL C 25 19.61 -3.81 8.95
CA VAL C 25 19.55 -3.64 10.40
C VAL C 25 20.91 -3.90 11.05
N TYR C 26 21.58 -4.93 10.58
CA TYR C 26 22.91 -5.28 11.07
C TYR C 26 23.86 -4.07 11.00
N HIS C 27 23.77 -3.29 9.93
CA HIS C 27 24.63 -2.11 9.77
C HIS C 27 24.06 -0.87 10.45
N ALA C 28 22.79 -0.57 10.17
CA ALA C 28 22.17 0.60 10.75
C ALA C 28 22.32 0.65 12.27
N LEU C 29 22.22 -0.50 12.93
CA LEU C 29 22.33 -0.57 14.38
C LEU C 29 23.66 -1.18 14.84
N ASN C 30 24.49 -1.53 13.88
CA ASN C 30 25.79 -2.12 14.16
C ASN C 30 25.70 -3.29 15.15
N LEU C 31 25.15 -4.40 14.67
CA LEU C 31 25.00 -5.60 15.46
C LEU C 31 26.23 -6.43 15.16
N GLU C 32 26.47 -7.48 15.94
CA GLU C 32 27.64 -8.30 15.65
C GLU C 32 27.18 -9.47 14.81
N GLU C 33 25.87 -9.71 14.84
CA GLU C 33 25.25 -10.77 14.05
C GLU C 33 23.72 -10.78 14.18
N VAL C 34 23.08 -11.44 13.23
CA VAL C 34 21.63 -11.56 13.20
C VAL C 34 21.25 -13.03 13.17
N TRP C 35 20.29 -13.43 14.00
CA TRP C 35 19.85 -14.83 14.03
C TRP C 35 18.49 -14.96 13.38
N PHE C 36 18.35 -15.93 12.48
CA PHE C 36 17.05 -16.16 11.87
C PHE C 36 16.37 -17.21 12.75
N LEU C 37 15.21 -16.87 13.26
CA LEU C 37 14.44 -17.73 14.16
C LEU C 37 13.24 -18.33 13.43
N PRO C 38 13.43 -19.50 12.81
CA PRO C 38 12.31 -20.13 12.10
C PRO C 38 11.15 -20.44 13.04
N ASN C 39 9.93 -20.13 12.59
CA ASN C 39 8.71 -20.38 13.36
C ASN C 39 8.16 -21.67 12.80
N GLN C 40 7.43 -22.43 13.60
CA GLN C 40 6.84 -23.66 13.10
C GLN C 40 5.57 -23.24 12.40
N ILE C 41 5.20 -23.96 11.35
CA ILE C 41 3.99 -23.66 10.62
C ILE C 41 2.81 -23.83 11.58
N PRO C 42 2.10 -22.73 11.90
CA PRO C 42 0.95 -22.73 12.79
C PRO C 42 -0.02 -23.87 12.49
N PRO C 43 -0.62 -24.46 13.52
CA PRO C 43 -1.58 -25.57 13.42
C PRO C 43 -2.63 -25.42 12.32
N HIS C 44 -3.29 -24.27 12.25
CA HIS C 44 -4.33 -24.04 11.24
C HIS C 44 -3.83 -24.07 9.80
N LYS C 45 -2.52 -23.93 9.60
CA LYS C 45 -1.95 -23.96 8.25
C LYS C 45 -1.38 -25.34 7.98
N GLN C 46 -1.20 -26.10 9.06
CA GLN C 46 -0.64 -27.45 8.96
C GLN C 46 -1.52 -28.38 8.15
N GLY C 47 -0.90 -29.44 7.66
CA GLY C 47 -1.60 -30.43 6.86
C GLY C 47 -0.54 -31.12 6.03
N ARG C 48 -0.92 -32.15 5.26
CA ARG C 48 0.09 -32.79 4.43
C ARG C 48 0.41 -31.80 3.32
N ASN C 49 1.28 -32.20 2.40
CA ASN C 49 1.65 -31.33 1.30
C ASN C 49 2.38 -30.08 1.75
N ILE C 50 2.55 -29.88 3.06
CA ILE C 50 3.30 -28.72 3.52
C ILE C 50 4.79 -29.12 3.58
N THR C 51 5.67 -28.13 3.61
CA THR C 51 7.09 -28.38 3.63
C THR C 51 7.58 -28.92 4.97
N SER C 52 8.43 -29.94 4.91
CA SER C 52 9.00 -30.52 6.11
C SER C 52 9.93 -29.49 6.73
N VAL C 53 10.11 -29.58 8.04
CA VAL C 53 11.02 -28.66 8.74
C VAL C 53 12.42 -28.87 8.17
N GLU C 54 12.71 -30.13 7.84
CA GLU C 54 13.99 -30.52 7.27
C GLU C 54 14.35 -29.66 6.06
N SER C 55 13.39 -29.51 5.14
CA SER C 55 13.59 -28.75 3.93
C SER C 55 13.75 -27.26 4.17
N ARG C 56 12.89 -26.71 5.02
CA ARG C 56 12.95 -25.28 5.33
C ARG C 56 14.32 -24.94 5.92
N LEU C 57 14.80 -25.75 6.86
CA LEU C 57 16.10 -25.47 7.45
C LEU C 57 17.20 -25.52 6.40
N GLN C 58 17.08 -26.45 5.44
CA GLN C 58 18.10 -26.55 4.39
C GLN C 58 18.08 -25.35 3.46
N MET C 59 16.88 -24.85 3.13
CA MET C 59 16.79 -23.69 2.25
C MET C 59 17.37 -22.49 3.00
N LEU C 60 17.07 -22.40 4.29
CA LEU C 60 17.55 -21.30 5.11
C LEU C 60 19.08 -21.30 5.22
N GLU C 61 19.68 -22.49 5.30
CA GLU C 61 21.14 -22.61 5.37
C GLU C 61 21.72 -22.23 4.02
N LEU C 62 21.10 -22.69 2.93
CA LEU C 62 21.57 -22.35 1.60
C LEU C 62 21.41 -20.85 1.35
N ALA C 63 20.48 -20.23 2.08
CA ALA C 63 20.24 -18.79 1.94
C ALA C 63 21.20 -17.93 2.76
N THR C 64 21.64 -18.45 3.90
CA THR C 64 22.56 -17.73 4.78
C THR C 64 23.99 -18.27 4.74
N GLU C 65 24.21 -19.29 3.93
CA GLU C 65 25.52 -19.92 3.76
C GLU C 65 26.67 -18.92 3.63
N ALA C 66 26.60 -18.06 2.63
CA ALA C 66 27.66 -17.08 2.35
C ALA C 66 27.84 -15.94 3.36
N GLU C 67 27.07 -15.94 4.46
CA GLU C 67 27.17 -14.89 5.46
C GLU C 67 27.53 -15.45 6.83
N GLU C 68 28.77 -15.22 7.27
CA GLU C 68 29.20 -15.75 8.56
C GLU C 68 28.47 -15.09 9.73
N HIS C 69 28.10 -13.81 9.59
CA HIS C 69 27.41 -13.11 10.67
C HIS C 69 25.89 -13.31 10.65
N PHE C 70 25.44 -14.34 9.95
CA PHE C 70 24.02 -14.71 9.88
C PHE C 70 23.99 -16.12 10.41
N SER C 71 23.15 -16.39 11.40
CA SER C 71 23.07 -17.74 11.96
C SER C 71 21.62 -18.16 12.05
N ILE C 72 21.41 -19.44 12.35
CA ILE C 72 20.07 -19.98 12.50
C ILE C 72 19.87 -20.34 13.97
N CYS C 73 18.86 -19.76 14.60
CA CYS C 73 18.57 -20.05 16.00
C CYS C 73 17.35 -20.96 16.07
N LEU C 74 17.62 -22.25 16.25
CA LEU C 74 16.60 -23.30 16.31
C LEU C 74 15.84 -23.38 17.63
N GLU C 75 16.11 -22.46 18.54
CA GLU C 75 15.49 -22.44 19.87
C GLU C 75 13.96 -22.58 19.93
N GLU C 76 13.23 -21.92 19.04
CA GLU C 76 11.77 -22.01 19.07
C GLU C 76 11.27 -23.30 18.44
N LEU C 77 11.89 -23.66 17.32
CA LEU C 77 11.51 -24.87 16.60
C LEU C 77 11.86 -26.13 17.39
N SER C 78 12.88 -26.04 18.23
CA SER C 78 13.32 -27.16 19.05
C SER C 78 12.39 -27.42 20.23
N ARG C 79 12.05 -26.38 20.97
CA ARG C 79 11.16 -26.54 22.11
C ARG C 79 9.79 -27.05 21.71
N LYS C 80 9.21 -27.85 22.60
CA LYS C 80 7.91 -28.46 22.42
C LYS C 80 7.08 -28.01 21.21
N GLY C 81 6.09 -27.14 21.42
CA GLY C 81 5.26 -26.70 20.31
C GLY C 81 5.00 -25.22 20.10
N PRO C 82 3.78 -24.74 20.43
CA PRO C 82 3.37 -23.33 20.29
C PRO C 82 3.93 -22.38 21.34
N SER C 83 4.97 -21.62 20.98
CA SER C 83 5.59 -20.69 21.91
C SER C 83 5.32 -19.22 21.65
N TYR C 84 4.74 -18.53 22.64
CA TYR C 84 4.50 -17.11 22.50
C TYR C 84 5.88 -16.53 22.27
N THR C 85 5.96 -15.42 21.53
CA THR C 85 7.26 -14.81 21.28
C THR C 85 7.94 -14.54 22.61
N TYR C 86 7.16 -14.11 23.60
CA TYR C 86 7.69 -13.80 24.92
C TYR C 86 8.46 -14.97 25.54
N ASP C 87 7.92 -16.18 25.42
CA ASP C 87 8.57 -17.35 25.97
C ASP C 87 9.91 -17.63 25.31
N THR C 88 9.92 -17.59 23.99
CA THR C 88 11.14 -17.84 23.25
C THR C 88 12.22 -16.87 23.70
N MET C 89 11.86 -15.59 23.73
CA MET C 89 12.80 -14.55 24.14
C MET C 89 13.14 -14.69 25.61
N LEU C 90 12.23 -15.25 26.38
CA LEU C 90 12.49 -15.44 27.79
C LEU C 90 13.57 -16.49 27.91
N GLN C 91 13.47 -17.56 27.12
CA GLN C 91 14.45 -18.62 27.19
C GLN C 91 15.82 -18.24 26.63
N LEU C 92 15.82 -17.39 25.59
CA LEU C 92 17.07 -16.96 24.98
C LEU C 92 17.84 -16.02 25.89
N THR C 93 17.14 -15.07 26.48
CA THR C 93 17.78 -14.12 27.38
C THR C 93 18.55 -14.87 28.48
N LYS C 94 17.97 -15.97 28.96
CA LYS C 94 18.62 -16.76 29.99
C LYS C 94 19.84 -17.52 29.46
N LYS C 95 19.69 -18.18 28.30
CA LYS C 95 20.81 -18.92 27.72
C LYS C 95 21.93 -17.99 27.28
N TYR C 96 21.59 -16.75 26.95
CA TYR C 96 22.57 -15.76 26.53
C TYR C 96 22.27 -14.45 27.24
N PRO C 97 22.53 -14.39 28.55
CA PRO C 97 22.29 -13.19 29.36
C PRO C 97 23.23 -12.07 28.96
N ASP C 98 24.26 -12.45 28.21
CA ASP C 98 25.27 -11.50 27.74
C ASP C 98 24.83 -10.69 26.52
N VAL C 99 23.80 -11.18 25.83
CA VAL C 99 23.29 -10.57 24.61
C VAL C 99 22.10 -9.62 24.71
N GLN C 100 22.16 -8.54 23.93
CA GLN C 100 21.09 -7.56 23.86
C GLN C 100 20.40 -7.83 22.52
N PHE C 101 19.30 -8.57 22.55
CA PHE C 101 18.60 -8.91 21.33
C PHE C 101 17.77 -7.77 20.76
N HIS C 102 17.72 -7.69 19.44
CA HIS C 102 16.94 -6.69 18.73
C HIS C 102 15.95 -7.46 17.87
N PHE C 103 14.70 -7.47 18.31
CA PHE C 103 13.68 -8.20 17.58
C PHE C 103 13.18 -7.35 16.42
N ILE C 104 13.43 -7.83 15.21
CA ILE C 104 13.06 -7.12 13.98
C ILE C 104 11.69 -7.52 13.42
N ILE C 105 10.83 -6.54 13.19
CA ILE C 105 9.50 -6.79 12.65
C ILE C 105 9.13 -5.73 11.60
N GLY C 106 8.15 -6.03 10.77
CA GLY C 106 7.71 -5.08 9.77
C GLY C 106 6.93 -3.95 10.42
N GLY C 107 7.00 -2.76 9.84
CA GLY C 107 6.30 -1.62 10.39
C GLY C 107 4.80 -1.86 10.46
N ASP C 108 4.31 -2.67 9.52
CA ASP C 108 2.90 -3.01 9.46
C ASP C 108 2.46 -3.67 10.78
N MET C 109 3.37 -4.42 11.37
CA MET C 109 3.11 -5.15 12.61
C MET C 109 3.11 -4.28 13.88
N VAL C 110 3.93 -3.25 13.91
CA VAL C 110 4.02 -2.36 15.08
C VAL C 110 2.66 -1.86 15.58
N GLU C 111 1.65 -1.95 14.72
CA GLU C 111 0.31 -1.50 15.06
C GLU C 111 -0.43 -2.49 15.95
N TYR C 112 0.06 -3.72 16.00
CA TYR C 112 -0.57 -4.77 16.78
C TYR C 112 0.20 -5.24 18.01
N LEU C 113 1.40 -4.69 18.22
CA LEU C 113 2.21 -5.08 19.38
C LEU C 113 1.36 -5.20 20.65
N PRO C 114 0.45 -4.25 20.89
CA PRO C 114 -0.40 -4.30 22.09
C PRO C 114 -1.18 -5.61 22.25
N LYS C 115 -1.32 -6.37 21.16
CA LYS C 115 -2.05 -7.63 21.20
C LYS C 115 -1.11 -8.83 21.36
N TRP C 116 0.19 -8.55 21.44
CA TRP C 116 1.22 -9.58 21.61
C TRP C 116 1.23 -10.08 23.06
N TYR C 117 1.37 -11.40 23.23
CA TYR C 117 1.40 -11.98 24.57
C TYR C 117 2.53 -11.41 25.44
N ASN C 118 2.17 -10.90 26.61
CA ASN C 118 3.14 -10.35 27.56
C ASN C 118 4.01 -9.28 26.93
N ILE C 119 3.45 -8.56 25.97
CA ILE C 119 4.21 -7.54 25.26
C ILE C 119 4.93 -6.61 26.23
N GLU C 120 4.25 -6.21 27.30
CA GLU C 120 4.82 -5.32 28.30
C GLU C 120 6.16 -5.83 28.83
N ALA C 121 6.15 -7.04 29.39
CA ALA C 121 7.37 -7.64 29.91
C ALA C 121 8.38 -7.90 28.80
N LEU C 122 7.88 -8.25 27.62
CA LEU C 122 8.75 -8.52 26.47
C LEU C 122 9.68 -7.34 26.20
N LEU C 123 9.11 -6.14 26.17
CA LEU C 123 9.88 -4.92 25.93
C LEU C 123 11.03 -4.80 26.93
N ASP C 124 10.95 -5.54 28.02
CA ASP C 124 12.00 -5.50 29.03
C ASP C 124 13.08 -6.53 28.71
N LEU C 125 12.75 -7.48 27.84
CA LEU C 125 13.70 -8.52 27.45
C LEU C 125 14.42 -8.21 26.14
N VAL C 126 13.74 -7.57 25.20
CA VAL C 126 14.37 -7.25 23.92
C VAL C 126 14.04 -5.86 23.40
N THR C 127 14.89 -5.36 22.50
CA THR C 127 14.69 -4.05 21.89
C THR C 127 14.05 -4.24 20.52
N PHE C 128 12.80 -3.80 20.37
CA PHE C 128 12.09 -3.92 19.11
C PHE C 128 12.62 -2.97 18.04
N VAL C 129 12.78 -3.51 16.83
CA VAL C 129 13.25 -2.76 15.67
C VAL C 129 12.19 -2.89 14.60
N GLY C 130 11.61 -1.76 14.22
CA GLY C 130 10.58 -1.76 13.20
C GLY C 130 11.14 -1.35 11.86
N VAL C 131 10.59 -1.89 10.79
CA VAL C 131 11.06 -1.56 9.46
C VAL C 131 10.06 -0.67 8.75
N ALA C 132 10.54 0.45 8.21
CA ALA C 132 9.67 1.36 7.50
C ALA C 132 10.32 1.81 6.20
N ARG C 133 9.47 2.21 5.25
CA ARG C 133 9.92 2.70 3.97
C ARG C 133 10.66 4.01 4.24
N PRO C 134 11.60 4.37 3.37
CA PRO C 134 12.31 5.63 3.59
C PRO C 134 11.32 6.78 3.68
N GLY C 135 11.66 7.84 4.43
CA GLY C 135 10.75 8.96 4.56
C GLY C 135 9.65 8.78 5.59
N TYR C 136 9.68 7.65 6.28
CA TYR C 136 8.67 7.36 7.30
C TYR C 136 9.28 6.84 8.59
N LYS C 137 8.59 7.13 9.69
CA LYS C 137 9.02 6.69 11.01
C LYS C 137 7.78 6.14 11.69
N LEU C 138 7.95 5.10 12.49
CA LEU C 138 6.82 4.53 13.20
C LEU C 138 6.52 5.42 14.39
N ARG C 139 5.28 5.88 14.48
CA ARG C 139 4.84 6.73 15.59
C ARG C 139 3.98 5.82 16.45
N THR C 140 4.51 5.42 17.61
CA THR C 140 3.81 4.49 18.49
C THR C 140 4.14 4.71 19.97
N PRO C 141 3.23 4.32 20.88
CA PRO C 141 3.44 4.47 22.32
C PRO C 141 4.55 3.58 22.88
N TYR C 142 5.00 2.61 22.07
CA TYR C 142 6.05 1.70 22.51
C TYR C 142 7.43 2.20 22.11
N PRO C 143 8.45 1.89 22.92
CA PRO C 143 9.83 2.31 22.65
C PRO C 143 10.41 1.39 21.57
N ILE C 144 10.11 1.71 20.31
CA ILE C 144 10.58 0.90 19.20
C ILE C 144 11.59 1.64 18.31
N THR C 145 12.59 0.90 17.85
CA THR C 145 13.62 1.46 16.98
C THR C 145 13.19 1.34 15.52
N THR C 146 13.28 2.43 14.77
CA THR C 146 12.90 2.42 13.36
C THR C 146 14.12 2.32 12.44
N VAL C 147 14.01 1.48 11.41
CA VAL C 147 15.08 1.37 10.42
C VAL C 147 14.43 1.45 9.04
N GLU C 148 14.84 2.46 8.27
CA GLU C 148 14.30 2.66 6.94
C GLU C 148 15.00 1.73 5.96
N ILE C 149 14.20 1.05 5.14
CA ILE C 149 14.71 0.10 4.18
C ILE C 149 13.90 0.17 2.91
N PRO C 150 14.58 0.25 1.76
CA PRO C 150 13.83 0.31 0.50
C PRO C 150 12.86 -0.87 0.47
N GLU C 151 11.62 -0.62 0.10
CA GLU C 151 10.62 -1.66 0.03
C GLU C 151 10.89 -2.73 -1.04
N PHE C 152 10.66 -3.99 -0.67
CA PHE C 152 10.83 -5.11 -1.59
C PHE C 152 9.66 -6.05 -1.28
N ALA C 153 8.54 -5.80 -1.95
CA ALA C 153 7.30 -6.56 -1.73
C ALA C 153 7.37 -8.02 -2.15
N VAL C 154 8.07 -8.81 -1.36
CA VAL C 154 8.23 -10.22 -1.64
C VAL C 154 8.03 -10.93 -0.30
N SER C 155 7.42 -12.12 -0.35
CA SER C 155 7.17 -12.89 0.87
C SER C 155 7.11 -14.37 0.50
N SER C 156 7.30 -15.22 1.49
CA SER C 156 7.28 -16.66 1.27
C SER C 156 5.94 -17.05 0.65
N SER C 157 4.87 -16.48 1.17
CA SER C 157 3.53 -16.75 0.66
C SER C 157 3.46 -16.47 -0.85
N LEU C 158 3.86 -15.27 -1.25
CA LEU C 158 3.87 -14.87 -2.65
C LEU C 158 4.67 -15.85 -3.52
N LEU C 159 5.83 -16.26 -3.03
CA LEU C 159 6.70 -17.18 -3.77
C LEU C 159 6.07 -18.55 -3.97
N ARG C 160 5.39 -19.05 -2.93
CA ARG C 160 4.74 -20.37 -3.02
C ARG C 160 3.66 -20.33 -4.09
N GLU C 161 2.92 -19.23 -4.12
CA GLU C 161 1.86 -19.02 -5.09
C GLU C 161 2.46 -18.99 -6.50
N ARG C 162 3.59 -18.31 -6.67
CA ARG C 162 4.24 -18.24 -7.98
C ARG C 162 4.75 -19.58 -8.47
N TYR C 163 5.39 -20.34 -7.59
CA TYR C 163 5.91 -21.64 -7.95
C TYR C 163 4.77 -22.59 -8.34
N LYS C 164 3.58 -22.30 -7.81
CA LYS C 164 2.39 -23.11 -8.11
C LYS C 164 1.87 -22.76 -9.49
N GLU C 165 1.95 -21.47 -9.85
CA GLU C 165 1.50 -21.00 -11.16
C GLU C 165 2.60 -21.16 -12.18
N LYS C 166 3.73 -21.74 -11.77
CA LYS C 166 4.87 -21.91 -12.65
C LYS C 166 5.37 -20.55 -13.15
N LYS C 167 5.21 -19.52 -12.32
CA LYS C 167 5.63 -18.17 -12.66
C LYS C 167 7.08 -17.95 -12.25
N THR C 168 7.78 -17.08 -12.99
CA THR C 168 9.18 -16.80 -12.71
C THR C 168 9.40 -16.17 -11.33
N CYS C 169 10.50 -16.55 -10.69
CA CYS C 169 10.83 -16.03 -9.36
C CYS C 169 12.25 -15.50 -9.35
N LYS C 170 12.79 -15.28 -10.54
CA LYS C 170 14.15 -14.78 -10.66
C LYS C 170 14.34 -13.45 -9.94
N TYR C 171 15.49 -13.31 -9.29
CA TYR C 171 15.87 -12.11 -8.52
C TYR C 171 15.04 -11.93 -7.24
N LEU C 172 14.14 -12.86 -6.97
CA LEU C 172 13.32 -12.77 -5.76
C LEU C 172 13.93 -13.52 -4.58
N LEU C 173 14.74 -14.54 -4.86
CA LEU C 173 15.40 -15.32 -3.81
C LEU C 173 16.68 -15.96 -4.33
N PRO C 174 17.61 -16.29 -3.43
CA PRO C 174 18.89 -16.91 -3.81
C PRO C 174 18.73 -18.04 -4.84
N GLU C 175 19.65 -18.12 -5.80
CA GLU C 175 19.61 -19.16 -6.82
C GLU C 175 19.80 -20.53 -6.19
N LYS C 176 20.51 -20.56 -5.07
CA LYS C 176 20.73 -21.84 -4.41
C LYS C 176 19.38 -22.39 -3.93
N VAL C 177 18.58 -21.54 -3.32
CA VAL C 177 17.26 -21.94 -2.82
C VAL C 177 16.37 -22.38 -3.99
N GLN C 178 16.43 -21.65 -5.09
CA GLN C 178 15.63 -21.98 -6.27
C GLN C 178 15.96 -23.38 -6.79
N VAL C 179 17.25 -23.69 -6.88
CA VAL C 179 17.68 -25.01 -7.35
C VAL C 179 17.07 -26.07 -6.42
N TYR C 180 17.28 -25.87 -5.14
CA TYR C 180 16.77 -26.79 -4.11
C TYR C 180 15.26 -27.01 -4.24
N ILE C 181 14.54 -25.95 -4.57
CA ILE C 181 13.10 -26.02 -4.73
C ILE C 181 12.69 -26.88 -5.94
N GLU C 182 13.38 -26.71 -7.05
CA GLU C 182 13.08 -27.50 -8.25
C GLU C 182 13.58 -28.93 -8.09
N ARG C 183 14.74 -29.08 -7.47
CA ARG C 183 15.32 -30.40 -7.25
C ARG C 183 14.39 -31.28 -6.41
N ASN C 184 13.80 -30.72 -5.36
CA ASN C 184 12.90 -31.48 -4.48
C ASN C 184 11.42 -31.25 -4.81
N GLY C 185 11.16 -30.62 -5.94
CA GLY C 185 9.78 -30.37 -6.35
C GLY C 185 8.84 -29.72 -5.35
N LEU C 186 9.34 -28.78 -4.54
CA LEU C 186 8.49 -28.13 -3.55
C LEU C 186 7.42 -27.23 -4.19
N TYR C 187 6.41 -26.87 -3.40
CA TYR C 187 5.29 -26.01 -3.81
C TYR C 187 4.79 -26.31 -5.22
N GLU C 188 4.86 -27.58 -5.60
CA GLU C 188 4.47 -27.99 -6.94
C GLU C 188 3.09 -28.64 -6.97
N MET D 1 11.10 -11.86 -34.93
CA MET D 1 11.68 -10.82 -34.04
C MET D 1 10.81 -9.57 -34.07
N ARG D 2 9.73 -9.60 -33.32
CA ARG D 2 8.82 -8.46 -33.30
C ARG D 2 8.84 -7.73 -31.97
N LYS D 3 8.57 -8.46 -30.89
CA LYS D 3 8.49 -7.88 -29.57
C LYS D 3 9.81 -7.68 -28.82
N ILE D 4 10.24 -6.43 -28.70
CA ILE D 4 11.45 -6.07 -27.98
C ILE D 4 11.14 -5.01 -26.92
N GLY D 5 11.61 -5.23 -25.70
CA GLY D 5 11.38 -4.24 -24.66
C GLY D 5 12.57 -3.31 -24.53
N ILE D 6 12.34 -2.13 -23.96
CA ILE D 6 13.41 -1.15 -23.77
C ILE D 6 13.32 -0.49 -22.41
N ILE D 7 14.44 -0.43 -21.71
CA ILE D 7 14.48 0.21 -20.41
C ILE D 7 15.56 1.27 -20.42
N GLY D 8 15.12 2.53 -20.29
CA GLY D 8 16.03 3.65 -20.29
C GLY D 8 16.48 3.99 -18.88
N GLY D 9 17.57 4.74 -18.77
CA GLY D 9 18.09 5.12 -17.46
C GLY D 9 19.56 5.50 -17.55
N THR D 10 20.12 5.96 -16.44
CA THR D 10 21.53 6.33 -16.39
C THR D 10 22.38 5.07 -16.17
N PHE D 11 21.80 4.11 -15.46
CA PHE D 11 22.49 2.87 -15.13
C PHE D 11 23.82 3.30 -14.50
N ASP D 12 23.70 4.23 -13.55
CA ASP D 12 24.83 4.80 -12.83
C ASP D 12 24.57 4.68 -11.31
N PRO D 13 24.62 3.45 -10.78
CA PRO D 13 24.92 2.22 -11.51
C PRO D 13 23.67 1.38 -11.79
N PRO D 14 23.81 0.30 -12.59
CA PRO D 14 22.65 -0.54 -12.87
C PRO D 14 22.41 -1.33 -11.59
N HIS D 15 21.20 -1.81 -11.38
CA HIS D 15 20.90 -2.54 -10.15
C HIS D 15 19.79 -3.58 -10.39
N TYR D 16 19.50 -4.39 -9.36
CA TYR D 16 18.49 -5.44 -9.48
C TYR D 16 17.09 -4.99 -9.87
N GLY D 17 16.75 -3.74 -9.55
CA GLY D 17 15.45 -3.23 -9.92
C GLY D 17 15.32 -3.30 -11.43
N HIS D 18 16.41 -2.94 -12.13
CA HIS D 18 16.42 -2.98 -13.59
C HIS D 18 16.21 -4.40 -14.05
N LEU D 19 16.98 -5.31 -13.50
CA LEU D 19 16.93 -6.71 -13.87
C LEU D 19 15.55 -7.35 -13.59
N LEU D 20 15.00 -7.10 -12.42
CA LEU D 20 13.68 -7.64 -12.06
C LEU D 20 12.64 -7.15 -13.04
N ILE D 21 12.59 -5.85 -13.26
CA ILE D 21 11.62 -5.28 -14.18
C ILE D 21 11.76 -5.89 -15.58
N ALA D 22 12.99 -5.96 -16.07
CA ALA D 22 13.24 -6.52 -17.40
C ALA D 22 12.78 -7.97 -17.46
N ASN D 23 13.06 -8.72 -16.40
CA ASN D 23 12.65 -10.12 -16.36
C ASN D 23 11.13 -10.28 -16.30
N GLU D 24 10.50 -9.51 -15.41
CA GLU D 24 9.05 -9.59 -15.24
C GLU D 24 8.29 -9.22 -16.52
N VAL D 25 8.65 -8.10 -17.14
CA VAL D 25 7.99 -7.67 -18.36
C VAL D 25 8.28 -8.67 -19.48
N TYR D 26 9.48 -9.23 -19.47
CA TYR D 26 9.87 -10.21 -20.49
C TYR D 26 8.92 -11.41 -20.52
N HIS D 27 8.73 -12.06 -19.37
CA HIS D 27 7.86 -13.22 -19.29
C HIS D 27 6.39 -12.83 -19.42
N ALA D 28 6.01 -11.71 -18.82
CA ALA D 28 4.63 -11.22 -18.87
C ALA D 28 4.14 -10.98 -20.30
N LEU D 29 4.90 -10.19 -21.07
CA LEU D 29 4.50 -9.89 -22.44
C LEU D 29 5.20 -10.76 -23.47
N ASN D 30 5.83 -11.83 -23.00
CA ASN D 30 6.56 -12.76 -23.86
C ASN D 30 7.38 -12.06 -24.94
N LEU D 31 8.38 -11.31 -24.51
CA LEU D 31 9.27 -10.56 -25.40
C LEU D 31 10.33 -11.48 -26.00
N GLU D 32 10.94 -11.02 -27.08
CA GLU D 32 12.02 -11.78 -27.73
C GLU D 32 13.28 -11.49 -26.90
N GLU D 33 13.39 -10.25 -26.45
CA GLU D 33 14.50 -9.80 -25.62
C GLU D 33 14.21 -8.42 -25.09
N VAL D 34 15.01 -7.98 -24.11
CA VAL D 34 14.87 -6.65 -23.53
C VAL D 34 16.19 -5.90 -23.70
N TRP D 35 16.13 -4.67 -24.19
CA TRP D 35 17.34 -3.89 -24.36
C TRP D 35 17.42 -2.79 -23.32
N PHE D 36 18.59 -2.65 -22.72
CA PHE D 36 18.79 -1.60 -21.76
C PHE D 36 19.38 -0.47 -22.59
N LEU D 37 18.78 0.70 -22.48
CA LEU D 37 19.19 1.87 -23.24
C LEU D 37 19.83 2.96 -22.36
N PRO D 38 21.16 2.96 -22.22
CA PRO D 38 21.83 3.98 -21.40
C PRO D 38 21.61 5.40 -21.90
N ASN D 39 21.21 6.32 -21.01
CA ASN D 39 20.99 7.71 -21.41
C ASN D 39 22.35 8.38 -21.56
N GLN D 40 22.37 9.46 -22.34
CA GLN D 40 23.58 10.22 -22.58
C GLN D 40 23.70 11.22 -21.43
N ILE D 41 24.92 11.62 -21.10
CA ILE D 41 25.13 12.56 -20.01
C ILE D 41 24.66 13.96 -20.40
N PRO D 42 23.76 14.55 -19.60
CA PRO D 42 23.23 15.89 -19.87
C PRO D 42 24.34 16.91 -20.06
N PRO D 43 24.33 17.64 -21.19
CA PRO D 43 25.35 18.65 -21.47
C PRO D 43 25.61 19.61 -20.30
N HIS D 44 24.57 20.00 -19.55
CA HIS D 44 24.78 20.90 -18.42
C HIS D 44 25.42 20.18 -17.23
N LYS D 45 25.73 18.90 -17.41
CA LYS D 45 26.37 18.10 -16.38
C LYS D 45 27.78 17.70 -16.80
N GLN D 46 28.12 17.99 -18.05
CA GLN D 46 29.45 17.67 -18.58
C GLN D 46 30.47 18.52 -17.84
N GLY D 47 31.41 17.87 -17.16
CA GLY D 47 32.41 18.63 -16.44
C GLY D 47 32.31 18.44 -14.94
N ARG D 48 31.12 18.06 -14.48
CA ARG D 48 30.94 17.82 -13.05
C ARG D 48 31.70 16.56 -12.72
N ASN D 49 31.56 16.07 -11.49
CA ASN D 49 32.24 14.85 -11.09
C ASN D 49 31.25 13.69 -11.19
N ILE D 50 30.83 13.38 -12.42
CA ILE D 50 29.88 12.30 -12.66
C ILE D 50 30.57 11.13 -13.35
N THR D 51 30.08 9.93 -13.07
CA THR D 51 30.63 8.70 -13.63
C THR D 51 30.77 8.77 -15.14
N SER D 52 31.86 8.20 -15.65
CA SER D 52 32.11 8.19 -17.07
C SER D 52 31.09 7.28 -17.74
N VAL D 53 30.78 7.58 -18.99
CA VAL D 53 29.83 6.79 -19.78
C VAL D 53 30.36 5.37 -19.93
N GLU D 54 31.66 5.25 -20.17
CA GLU D 54 32.28 3.95 -20.33
C GLU D 54 32.12 3.11 -19.07
N SER D 55 32.26 3.73 -17.90
CA SER D 55 32.09 2.97 -16.66
C SER D 55 30.64 2.49 -16.52
N ARG D 56 29.69 3.38 -16.77
CA ARG D 56 28.27 2.99 -16.67
C ARG D 56 28.06 1.82 -17.61
N LEU D 57 28.69 1.89 -18.78
CA LEU D 57 28.58 0.86 -19.80
C LEU D 57 29.16 -0.49 -19.39
N GLN D 58 30.30 -0.47 -18.70
CA GLN D 58 30.94 -1.71 -18.29
C GLN D 58 30.14 -2.35 -17.15
N MET D 59 29.63 -1.51 -16.25
CA MET D 59 28.80 -2.05 -15.17
C MET D 59 27.53 -2.67 -15.75
N LEU D 60 26.91 -2.00 -16.73
CA LEU D 60 25.69 -2.54 -17.32
C LEU D 60 26.04 -3.88 -17.98
N GLU D 61 27.23 -3.92 -18.57
CA GLU D 61 27.74 -5.13 -19.22
C GLU D 61 27.85 -6.23 -18.19
N LEU D 62 28.48 -5.91 -17.07
CA LEU D 62 28.67 -6.87 -15.98
C LEU D 62 27.32 -7.34 -15.43
N ALA D 63 26.38 -6.41 -15.29
CA ALA D 63 25.05 -6.73 -14.77
C ALA D 63 24.22 -7.64 -15.67
N THR D 64 24.42 -7.56 -16.98
CA THR D 64 23.64 -8.34 -17.95
C THR D 64 24.31 -9.48 -18.71
N GLU D 65 25.60 -9.71 -18.50
CA GLU D 65 26.29 -10.77 -19.24
C GLU D 65 25.86 -12.21 -18.96
N ALA D 66 25.22 -12.46 -17.83
CA ALA D 66 24.77 -13.82 -17.55
C ALA D 66 23.35 -14.03 -18.05
N GLU D 67 22.84 -13.05 -18.79
CA GLU D 67 21.47 -13.13 -19.28
C GLU D 67 21.39 -13.12 -20.81
N GLU D 68 20.99 -14.25 -21.38
CA GLU D 68 20.89 -14.37 -22.82
C GLU D 68 19.97 -13.32 -23.47
N HIS D 69 18.73 -13.22 -23.01
CA HIS D 69 17.80 -12.26 -23.60
C HIS D 69 17.93 -10.78 -23.25
N PHE D 70 19.03 -10.40 -22.59
CA PHE D 70 19.24 -8.99 -22.26
C PHE D 70 20.39 -8.47 -23.12
N SER D 71 20.32 -7.21 -23.52
CA SER D 71 21.36 -6.60 -24.33
C SER D 71 21.35 -5.11 -24.13
N ILE D 72 22.40 -4.48 -24.61
CA ILE D 72 22.60 -3.07 -24.46
C ILE D 72 22.47 -2.40 -25.80
N CYS D 73 21.64 -1.37 -25.86
CA CYS D 73 21.46 -0.60 -27.07
C CYS D 73 22.17 0.72 -26.86
N LEU D 74 23.16 1.01 -27.70
CA LEU D 74 23.95 2.24 -27.61
C LEU D 74 23.45 3.42 -28.44
N GLU D 75 22.25 3.34 -29.00
CA GLU D 75 21.73 4.42 -29.83
C GLU D 75 21.92 5.85 -29.29
N GLU D 76 21.55 6.07 -28.03
CA GLU D 76 21.66 7.41 -27.45
C GLU D 76 23.06 7.89 -27.15
N LEU D 77 24.00 6.97 -26.99
CA LEU D 77 25.38 7.30 -26.70
C LEU D 77 26.19 7.52 -27.97
N SER D 78 25.50 7.58 -29.11
CA SER D 78 26.15 7.77 -30.40
C SER D 78 26.16 9.25 -30.77
N ARG D 79 25.31 10.03 -30.10
CA ARG D 79 25.22 11.46 -30.34
C ARG D 79 25.71 12.19 -29.10
N LYS D 80 26.67 13.09 -29.30
CA LYS D 80 27.27 13.87 -28.21
C LYS D 80 26.32 14.88 -27.57
N GLY D 81 25.52 15.55 -28.39
CA GLY D 81 24.59 16.55 -27.89
C GLY D 81 23.46 15.98 -27.03
N PRO D 82 22.49 16.81 -26.60
CA PRO D 82 21.37 16.37 -25.78
C PRO D 82 20.57 15.24 -26.42
N SER D 83 20.06 14.34 -25.60
CA SER D 83 19.29 13.19 -26.09
C SER D 83 17.78 13.31 -25.76
N TYR D 84 16.93 13.00 -26.75
CA TYR D 84 15.48 13.05 -26.60
C TYR D 84 14.89 11.72 -27.03
N THR D 85 14.00 11.17 -26.22
CA THR D 85 13.42 9.86 -26.52
C THR D 85 12.75 9.72 -27.87
N TYR D 86 12.09 10.76 -28.34
CA TYR D 86 11.43 10.68 -29.63
C TYR D 86 12.39 10.37 -30.77
N ASP D 87 13.51 11.08 -30.82
CA ASP D 87 14.47 10.89 -31.89
C ASP D 87 15.14 9.52 -31.85
N THR D 88 15.49 9.07 -30.65
CA THR D 88 16.11 7.77 -30.46
C THR D 88 15.18 6.68 -30.97
N MET D 89 13.92 6.70 -30.52
CA MET D 89 12.98 5.69 -30.96
C MET D 89 12.75 5.81 -32.47
N LEU D 90 12.74 7.03 -32.99
CA LEU D 90 12.56 7.23 -34.42
C LEU D 90 13.73 6.53 -35.12
N GLN D 91 14.94 6.80 -34.64
CA GLN D 91 16.12 6.18 -35.22
C GLN D 91 16.06 4.67 -35.10
N LEU D 92 15.71 4.15 -33.91
CA LEU D 92 15.65 2.69 -33.75
C LEU D 92 14.56 2.11 -34.67
N THR D 93 13.48 2.88 -34.85
CA THR D 93 12.38 2.48 -35.71
C THR D 93 12.89 2.15 -37.12
N LYS D 94 13.81 2.98 -37.62
CA LYS D 94 14.39 2.81 -38.95
C LYS D 94 15.40 1.67 -39.07
N LYS D 95 16.24 1.46 -38.05
CA LYS D 95 17.23 0.39 -38.09
C LYS D 95 16.56 -0.97 -37.94
N TYR D 96 15.43 -0.99 -37.25
CA TYR D 96 14.69 -2.22 -37.05
C TYR D 96 13.21 -1.94 -37.30
N PRO D 97 12.83 -1.81 -38.58
CA PRO D 97 11.47 -1.53 -39.04
C PRO D 97 10.46 -2.66 -38.77
N ASP D 98 10.99 -3.86 -38.51
CA ASP D 98 10.17 -5.03 -38.26
C ASP D 98 9.96 -5.29 -36.77
N VAL D 99 10.61 -4.50 -35.92
CA VAL D 99 10.51 -4.67 -34.48
C VAL D 99 9.42 -3.81 -33.85
N GLN D 100 8.69 -4.41 -32.91
CA GLN D 100 7.64 -3.73 -32.18
C GLN D 100 8.22 -3.42 -30.80
N PHE D 101 8.67 -2.18 -30.61
CA PHE D 101 9.28 -1.76 -29.34
C PHE D 101 8.29 -1.50 -28.21
N HIS D 102 8.63 -1.98 -27.02
CA HIS D 102 7.81 -1.76 -25.84
C HIS D 102 8.63 -0.99 -24.84
N PHE D 103 8.38 0.32 -24.78
CA PHE D 103 9.11 1.18 -23.87
C PHE D 103 8.56 0.94 -22.47
N ILE D 104 9.44 0.51 -21.57
CA ILE D 104 9.05 0.23 -20.21
C ILE D 104 9.40 1.39 -19.29
N ILE D 105 8.40 1.93 -18.61
CA ILE D 105 8.62 3.03 -17.68
C ILE D 105 7.98 2.72 -16.34
N GLY D 106 8.46 3.37 -15.29
CA GLY D 106 7.94 3.15 -13.97
C GLY D 106 6.55 3.73 -13.79
N GLY D 107 5.82 3.20 -12.80
CA GLY D 107 4.47 3.67 -12.54
C GLY D 107 4.48 5.16 -12.21
N ASP D 108 5.47 5.60 -11.44
CA ASP D 108 5.55 7.01 -11.11
C ASP D 108 5.65 7.87 -12.37
N MET D 109 6.72 7.69 -13.12
CA MET D 109 6.96 8.44 -14.35
C MET D 109 5.76 8.55 -15.29
N VAL D 110 4.79 7.65 -15.16
CA VAL D 110 3.61 7.71 -16.04
C VAL D 110 2.94 9.09 -16.03
N GLU D 111 2.95 9.79 -14.90
CA GLU D 111 2.34 11.11 -14.80
C GLU D 111 3.06 12.17 -15.64
N TYR D 112 4.39 12.09 -15.68
CA TYR D 112 5.20 13.05 -16.43
C TYR D 112 5.19 12.84 -17.95
N LEU D 113 4.67 11.70 -18.38
CA LEU D 113 4.61 11.33 -19.79
C LEU D 113 4.11 12.46 -20.72
N PRO D 114 3.00 13.14 -20.36
CA PRO D 114 2.52 14.20 -21.23
C PRO D 114 3.55 15.31 -21.45
N LYS D 115 4.49 15.43 -20.51
CA LYS D 115 5.54 16.44 -20.60
C LYS D 115 6.78 16.00 -21.37
N TRP D 116 6.70 14.87 -22.06
CA TRP D 116 7.83 14.38 -22.84
C TRP D 116 7.80 15.01 -24.22
N TYR D 117 8.97 15.45 -24.69
CA TYR D 117 9.09 16.09 -25.99
C TYR D 117 8.52 15.26 -27.12
N ASN D 118 7.61 15.86 -27.88
CA ASN D 118 6.99 15.21 -29.02
C ASN D 118 6.27 13.93 -28.64
N ILE D 119 5.77 13.88 -27.42
CA ILE D 119 5.08 12.69 -26.92
C ILE D 119 4.00 12.11 -27.84
N GLU D 120 3.17 12.99 -28.40
CA GLU D 120 2.10 12.57 -29.30
C GLU D 120 2.71 11.71 -30.41
N ALA D 121 3.76 12.24 -31.05
CA ALA D 121 4.44 11.56 -32.14
C ALA D 121 5.16 10.31 -31.67
N LEU D 122 5.70 10.33 -30.46
CA LEU D 122 6.40 9.16 -29.94
C LEU D 122 5.43 8.01 -29.68
N LEU D 123 4.19 8.35 -29.33
CA LEU D 123 3.16 7.36 -29.04
C LEU D 123 2.85 6.50 -30.26
N ASP D 124 3.17 7.02 -31.44
CA ASP D 124 2.94 6.28 -32.67
C ASP D 124 4.08 5.34 -32.98
N LEU D 125 5.24 5.60 -32.36
CA LEU D 125 6.42 4.79 -32.60
C LEU D 125 6.60 3.66 -31.59
N VAL D 126 6.04 3.79 -30.40
CA VAL D 126 6.22 2.75 -29.39
C VAL D 126 5.01 2.45 -28.50
N THR D 127 4.94 1.21 -28.04
CA THR D 127 3.90 0.78 -27.13
C THR D 127 4.50 0.93 -25.74
N PHE D 128 4.00 1.86 -24.94
CA PHE D 128 4.49 2.05 -23.58
C PHE D 128 4.06 0.91 -22.64
N VAL D 129 4.88 0.66 -21.63
CA VAL D 129 4.61 -0.37 -20.62
C VAL D 129 4.90 0.22 -19.25
N GLY D 130 3.86 0.33 -18.43
CA GLY D 130 4.03 0.87 -17.10
C GLY D 130 4.09 -0.26 -16.10
N VAL D 131 5.05 -0.17 -15.18
CA VAL D 131 5.19 -1.16 -14.14
C VAL D 131 4.32 -0.70 -12.99
N ALA D 132 3.46 -1.59 -12.50
CA ALA D 132 2.58 -1.23 -11.39
C ALA D 132 2.67 -2.25 -10.28
N ARG D 133 2.44 -1.79 -9.06
CA ARG D 133 2.44 -2.70 -7.93
C ARG D 133 1.12 -3.45 -8.04
N PRO D 134 1.09 -4.73 -7.63
CA PRO D 134 -0.14 -5.49 -7.72
C PRO D 134 -1.30 -4.84 -6.97
N GLY D 135 -2.43 -4.69 -7.65
CA GLY D 135 -3.58 -4.07 -7.05
C GLY D 135 -3.79 -2.66 -7.55
N TYR D 136 -2.80 -1.80 -7.32
CA TYR D 136 -2.91 -0.42 -7.79
C TYR D 136 -2.38 -0.29 -9.21
N LYS D 137 -3.30 -0.12 -10.16
CA LYS D 137 -2.93 0.05 -11.56
C LYS D 137 -2.90 1.53 -11.91
N LEU D 138 -2.09 1.87 -12.91
CA LEU D 138 -1.92 3.26 -13.35
C LEU D 138 -3.12 3.80 -14.11
N ARG D 139 -3.36 5.10 -13.97
CA ARG D 139 -4.48 5.76 -14.65
C ARG D 139 -4.03 6.94 -15.51
N THR D 140 -4.07 6.76 -16.82
CA THR D 140 -3.67 7.80 -17.78
C THR D 140 -4.55 7.71 -19.02
N PRO D 141 -4.76 8.84 -19.72
CA PRO D 141 -5.59 8.82 -20.92
C PRO D 141 -4.81 8.17 -22.06
N TYR D 142 -3.49 8.02 -21.86
CA TYR D 142 -2.64 7.40 -22.85
C TYR D 142 -2.77 5.88 -22.77
N PRO D 143 -2.85 5.22 -23.94
CA PRO D 143 -2.98 3.76 -24.04
C PRO D 143 -1.68 3.04 -23.71
N ILE D 144 -1.51 2.63 -22.45
CA ILE D 144 -0.29 1.93 -22.07
C ILE D 144 -0.57 0.60 -21.38
N THR D 145 0.18 -0.41 -21.78
CA THR D 145 0.06 -1.76 -21.22
C THR D 145 0.57 -1.80 -19.78
N THR D 146 -0.17 -2.46 -18.91
CA THR D 146 0.23 -2.57 -17.53
C THR D 146 0.78 -3.94 -17.18
N VAL D 147 1.81 -3.95 -16.33
CA VAL D 147 2.48 -5.16 -15.88
C VAL D 147 2.72 -5.04 -14.39
N GLU D 148 2.10 -5.93 -13.62
CA GLU D 148 2.26 -5.92 -12.18
C GLU D 148 3.55 -6.62 -11.79
N ILE D 149 4.36 -5.93 -11.01
CA ILE D 149 5.64 -6.44 -10.56
C ILE D 149 5.81 -6.13 -9.08
N PRO D 150 6.33 -7.10 -8.29
CA PRO D 150 6.50 -6.84 -6.86
C PRO D 150 7.43 -5.62 -6.69
N GLU D 151 6.97 -4.63 -5.96
CA GLU D 151 7.75 -3.41 -5.74
C GLU D 151 9.16 -3.67 -5.21
N PHE D 152 10.12 -2.86 -5.66
CA PHE D 152 11.51 -2.97 -5.21
C PHE D 152 12.06 -1.57 -5.43
N ALA D 153 11.76 -0.69 -4.47
CA ALA D 153 12.15 0.72 -4.54
C ALA D 153 13.65 1.00 -4.46
N VAL D 154 14.36 0.63 -5.51
CA VAL D 154 15.79 0.88 -5.55
C VAL D 154 16.08 1.67 -6.82
N SER D 155 16.92 2.69 -6.71
CA SER D 155 17.27 3.52 -7.86
C SER D 155 18.77 3.81 -7.87
N SER D 156 19.28 4.25 -9.02
CA SER D 156 20.70 4.59 -9.14
C SER D 156 21.04 5.73 -8.18
N SER D 157 20.14 6.72 -8.09
CA SER D 157 20.34 7.87 -7.21
C SER D 157 20.53 7.42 -5.78
N LEU D 158 19.69 6.49 -5.36
CA LEU D 158 19.77 5.94 -4.01
C LEU D 158 21.14 5.31 -3.85
N LEU D 159 21.48 4.40 -4.76
CA LEU D 159 22.78 3.73 -4.66
C LEU D 159 23.93 4.76 -4.66
N ARG D 160 23.84 5.80 -5.48
CA ARG D 160 24.92 6.80 -5.49
C ARG D 160 25.04 7.45 -4.12
N GLU D 161 23.92 7.91 -3.59
CA GLU D 161 23.87 8.53 -2.27
C GLU D 161 24.51 7.64 -1.22
N ARG D 162 24.16 6.35 -1.23
CA ARG D 162 24.69 5.42 -0.26
C ARG D 162 26.20 5.22 -0.32
N TYR D 163 26.73 5.00 -1.52
CA TYR D 163 28.18 4.82 -1.65
C TYR D 163 28.96 6.03 -1.17
N LYS D 164 28.46 7.23 -1.45
CA LYS D 164 29.15 8.45 -1.02
C LYS D 164 29.31 8.46 0.50
N GLU D 165 28.23 8.16 1.20
CA GLU D 165 28.20 8.13 2.66
C GLU D 165 28.79 6.82 3.19
N LYS D 166 29.26 5.98 2.28
CA LYS D 166 29.86 4.70 2.65
C LYS D 166 28.87 3.79 3.35
N LYS D 167 27.63 3.77 2.88
CA LYS D 167 26.58 2.93 3.43
C LYS D 167 26.47 1.63 2.60
N THR D 168 26.05 0.54 3.23
CA THR D 168 25.93 -0.75 2.56
C THR D 168 24.91 -0.73 1.41
N CYS D 169 25.18 -1.53 0.38
CA CYS D 169 24.31 -1.66 -0.80
C CYS D 169 24.08 -3.13 -1.16
N LYS D 170 24.41 -4.01 -0.22
CA LYS D 170 24.27 -5.45 -0.40
C LYS D 170 22.83 -5.85 -0.81
N TYR D 171 22.73 -6.79 -1.75
CA TYR D 171 21.45 -7.26 -2.26
C TYR D 171 20.65 -6.20 -3.04
N LEU D 172 21.25 -5.04 -3.31
CA LEU D 172 20.53 -4.03 -4.06
C LEU D 172 20.97 -3.98 -5.53
N LEU D 173 22.16 -4.53 -5.82
CA LEU D 173 22.72 -4.59 -7.17
C LEU D 173 23.71 -5.78 -7.27
N PRO D 174 24.01 -6.26 -8.47
CA PRO D 174 24.93 -7.39 -8.64
C PRO D 174 26.31 -7.24 -8.01
N GLU D 175 26.83 -8.34 -7.47
CA GLU D 175 28.14 -8.36 -6.85
C GLU D 175 29.22 -7.96 -7.86
N LYS D 176 29.12 -8.44 -9.10
CA LYS D 176 30.13 -8.08 -10.10
C LYS D 176 30.13 -6.56 -10.34
N VAL D 177 28.97 -5.94 -10.16
CA VAL D 177 28.87 -4.48 -10.33
C VAL D 177 29.51 -3.79 -9.13
N GLN D 178 29.31 -4.36 -7.95
CA GLN D 178 29.87 -3.84 -6.71
C GLN D 178 31.40 -3.96 -6.75
N VAL D 179 31.88 -5.11 -7.21
CA VAL D 179 33.32 -5.33 -7.34
C VAL D 179 33.91 -4.21 -8.17
N TYR D 180 33.33 -3.97 -9.35
CA TYR D 180 33.80 -2.92 -10.25
C TYR D 180 33.76 -1.54 -9.57
N ILE D 181 32.67 -1.26 -8.85
CA ILE D 181 32.57 0.03 -8.18
C ILE D 181 33.70 0.20 -7.16
N GLU D 182 34.06 -0.88 -6.47
CA GLU D 182 35.10 -0.84 -5.47
C GLU D 182 36.48 -0.67 -6.12
N ARG D 183 36.86 -1.62 -6.96
CA ARG D 183 38.15 -1.61 -7.64
C ARG D 183 38.47 -0.30 -8.38
N ASN D 184 37.46 0.41 -8.85
CA ASN D 184 37.72 1.65 -9.59
C ASN D 184 37.35 2.93 -8.84
N GLY D 185 36.96 2.77 -7.58
CA GLY D 185 36.60 3.92 -6.76
C GLY D 185 35.52 4.86 -7.26
N LEU D 186 34.46 4.33 -7.84
CA LEU D 186 33.41 5.21 -8.32
C LEU D 186 32.72 5.78 -7.08
N TYR D 187 31.84 6.75 -7.30
CA TYR D 187 31.06 7.34 -6.21
C TYR D 187 31.79 7.65 -4.91
N GLU D 188 32.74 8.58 -4.96
CA GLU D 188 33.47 8.97 -3.76
C GLU D 188 33.53 10.49 -3.71
N SER D 189 33.96 11.03 -2.57
CA SER D 189 34.03 12.48 -2.40
C SER D 189 32.60 13.02 -2.48
S SO4 E . -8.23 12.46 -5.86
O1 SO4 E . -8.09 12.03 -4.45
O2 SO4 E . -7.15 11.86 -6.67
O3 SO4 E . -8.14 13.93 -5.95
O4 SO4 E . -9.53 12.01 -6.37
S SO4 F . -7.91 13.01 -12.35
O1 SO4 F . -7.28 11.83 -12.97
O2 SO4 F . -7.39 13.20 -10.98
O3 SO4 F . -9.37 12.79 -12.27
O4 SO4 F . -7.65 14.22 -13.15
S SO4 G . -15.83 -3.62 13.36
O1 SO4 G . -17.18 -4.24 13.28
O2 SO4 G . -15.21 -3.94 14.64
O3 SO4 G . -15.97 -2.15 13.25
O4 SO4 G . -15.00 -4.11 12.25
S SO4 H . -15.32 -4.02 19.44
O1 SO4 H . -16.45 -3.08 19.44
O2 SO4 H . -15.37 -4.84 20.66
O3 SO4 H . -14.05 -3.26 19.43
O4 SO4 H . -15.38 -4.87 18.24
S SO4 I . 7.63 -13.66 5.10
O1 SO4 I . 6.15 -13.83 5.06
O2 SO4 I . 8.20 -14.61 6.08
O3 SO4 I . 7.95 -12.28 5.51
O4 SO4 I . 8.17 -13.93 3.77
S SO4 J . 3.70 -17.97 5.82
O1 SO4 J . 2.55 -18.61 6.49
O2 SO4 J . 4.43 -17.14 6.80
O3 SO4 J . 3.24 -17.11 4.72
O4 SO4 J . 4.61 -19.00 5.27
S SO4 K . 16.56 4.38 -12.09
O1 SO4 K . 15.12 4.25 -11.81
O2 SO4 K . 17.02 5.73 -11.70
O3 SO4 K . 16.77 4.20 -13.54
O4 SO4 K . 17.30 3.39 -11.31
S SO4 L . 19.90 9.49 -12.13
O1 SO4 L . 18.91 8.84 -12.99
O2 SO4 L . 19.36 9.60 -10.75
O3 SO4 L . 20.19 10.85 -12.66
O4 SO4 L . 21.14 8.69 -12.12
#